data_7A2F
#
_entry.id   7A2F
#
_cell.length_a   115.580
_cell.length_b   115.000
_cell.length_c   68.450
_cell.angle_alpha   90.000
_cell.angle_beta   108.360
_cell.angle_gamma   90.000
#
_symmetry.space_group_name_H-M   'C 1 2 1'
#
loop_
_entity.id
_entity.type
_entity.pdbx_description
1 polymer Phosphodiesterase
2 non-polymer 'ZINC ION'
3 non-polymer 'MAGNESIUM ION'
4 non-polymer 'FORMIC ACID'
5 non-polymer GUANIDINE
6 non-polymer GLYCEROL
7 non-polymer 1-cycloheptyl-3-{4-methoxy-3-[2-(4-methoxyphenyl)ethoxy]phenyl}-4,4-dimethyl-4,5-dihydro-1H-pyrazol-5-one
8 water water
#
_entity_poly.entity_id   1
_entity_poly.type   'polypeptide(L)'
_entity_poly.pdbx_seq_one_letter_code
;GSHMASELNEHRATLFNKNVPSRAVKRVTAITKVEREAVLVCELPSFDVTDVEFDLFRARESTDKPLDVAAAIAYRLLLG
SGLPQKFGCSDEVLLNFILQCRKKYRNVPYHNFYHVVDVCQTIHTFLYRGNVYEKLTELECFVLLITALVHDLDHMGLNN
SFYLKTESPLGILSSASGNTSVLEVHHCNLAVEILSDPESDVFDGLEGAERTLAFRSMIDCVLATDMAKHGSALEAFLAS
AADQSSDEAAFHRMTMEIILKAGDISNVTKPFDISRQWAMAVTEEFYRQGDMEKERGVEVLPMFDRSKNMELAKGQIGFI
DFVAAPFFQKIVDACLQGMQWTVDRIKSNRAQWERVLETR
;
_entity_poly.pdbx_strand_id   A,B
#
loop_
_chem_comp.id
_chem_comp.type
_chem_comp.name
_chem_comp.formula
FMT non-polymer 'FORMIC ACID' 'C H2 O2'
GAI non-polymer GUANIDINE 'C H5 N3'
GOL non-polymer GLYCEROL 'C3 H8 O3'
MG non-polymer 'MAGNESIUM ION' 'Mg 2'
QWZ non-polymer 1-cycloheptyl-3-{4-methoxy-3-[2-(4-methoxyphenyl)ethoxy]phenyl}-4,4-dimethyl-4,5-dihydro-1H-pyrazol-5-one 'C28 H36 N2 O4'
ZN non-polymer 'ZINC ION' 'Zn 2'
#
# COMPACT_ATOMS: atom_id res chain seq x y z
N VAL A 28 36.84 24.43 0.59
CA VAL A 28 35.84 24.06 -0.50
C VAL A 28 36.46 24.43 -1.86
N THR A 29 37.01 23.43 -2.55
CA THR A 29 37.33 23.43 -4.01
C THR A 29 36.04 23.72 -4.79
N ALA A 30 36.06 24.69 -5.71
CA ALA A 30 34.90 25.06 -6.56
C ALA A 30 34.52 23.88 -7.44
N ILE A 31 33.22 23.73 -7.71
CA ILE A 31 32.65 22.67 -8.58
C ILE A 31 33.07 22.99 -10.03
N THR A 32 33.39 21.95 -10.80
CA THR A 32 33.82 22.08 -12.21
C THR A 32 32.59 22.01 -13.11
N LYS A 33 32.75 22.44 -14.36
CA LYS A 33 31.69 22.42 -15.39
C LYS A 33 31.32 20.97 -15.69
N VAL A 34 32.32 20.09 -15.67
CA VAL A 34 32.21 18.64 -15.99
C VAL A 34 31.30 17.98 -14.95
N GLU A 35 31.50 18.32 -13.67
CA GLU A 35 30.67 17.86 -12.53
C GLU A 35 29.22 18.31 -12.72
N ARG A 36 29.00 19.57 -13.10
CA ARG A 36 27.63 20.08 -13.37
C ARG A 36 27.02 19.29 -14.55
N GLU A 37 27.77 19.12 -15.63
CA GLU A 37 27.27 18.48 -16.89
C GLU A 37 26.77 17.05 -16.59
N ALA A 38 27.53 16.30 -15.79
CA ALA A 38 27.21 14.92 -15.38
C ALA A 38 25.84 14.85 -14.71
N VAL A 39 25.43 15.91 -13.98
CA VAL A 39 24.08 15.98 -13.34
C VAL A 39 23.06 16.38 -14.40
N LEU A 40 23.37 17.41 -15.20
CA LEU A 40 22.41 18.04 -16.15
C LEU A 40 21.96 17.03 -17.22
N VAL A 41 22.82 16.08 -17.59
CA VAL A 41 22.50 15.04 -18.62
C VAL A 41 21.40 14.09 -18.13
N CYS A 42 21.26 13.87 -16.81
CA CYS A 42 20.26 12.94 -16.23
C CYS A 42 18.84 13.49 -16.45
N GLU A 43 18.01 12.75 -17.18
CA GLU A 43 16.68 13.22 -17.64
C GLU A 43 15.55 12.57 -16.82
N LEU A 44 15.88 11.59 -15.97
CA LEU A 44 14.92 10.93 -15.04
C LEU A 44 13.67 10.52 -15.80
N PRO A 45 13.79 9.85 -16.98
CA PRO A 45 12.62 9.55 -17.78
C PRO A 45 11.72 8.61 -16.97
N SER A 46 10.43 8.94 -16.89
CA SER A 46 9.37 8.10 -16.26
C SER A 46 9.26 8.34 -14.75
N PHE A 47 10.02 9.26 -14.16
CA PHE A 47 9.93 9.57 -12.70
C PHE A 47 9.13 10.85 -12.56
N ASP A 48 8.22 10.90 -11.58
CA ASP A 48 7.60 12.15 -11.09
C ASP A 48 8.15 12.43 -9.68
N VAL A 49 9.11 13.36 -9.57
CA VAL A 49 9.84 13.65 -8.30
C VAL A 49 8.90 14.32 -7.31
N THR A 50 7.74 14.82 -7.74
CA THR A 50 6.79 15.54 -6.85
C THR A 50 5.78 14.56 -6.23
N ASP A 51 5.82 13.27 -6.59
CA ASP A 51 4.72 12.32 -6.27
C ASP A 51 5.02 11.64 -4.93
N VAL A 52 4.01 11.44 -4.09
CA VAL A 52 4.18 10.78 -2.76
C VAL A 52 4.55 9.30 -2.92
N GLU A 53 4.48 8.72 -4.13
CA GLU A 53 4.84 7.30 -4.38
C GLU A 53 6.15 7.22 -5.16
N PHE A 54 6.78 8.35 -5.40
CA PHE A 54 8.15 8.41 -5.97
C PHE A 54 9.05 7.40 -5.23
N ASP A 55 9.86 6.65 -5.99
CA ASP A 55 10.70 5.54 -5.47
C ASP A 55 12.16 5.85 -5.80
N LEU A 56 12.92 6.31 -4.79
CA LEU A 56 14.34 6.71 -4.91
C LEU A 56 15.22 5.48 -5.15
N PHE A 57 14.84 4.33 -4.60
CA PHE A 57 15.57 3.05 -4.81
C PHE A 57 15.49 2.69 -6.30
N ARG A 58 14.31 2.79 -6.90
CA ARG A 58 14.15 2.49 -8.35
C ARG A 58 14.96 3.51 -9.16
N ALA A 59 14.95 4.80 -8.78
CA ALA A 59 15.76 5.86 -9.43
C ALA A 59 17.26 5.54 -9.35
N ARG A 60 17.72 5.01 -8.24
CA ARG A 60 19.16 4.67 -8.01
C ARG A 60 19.57 3.47 -8.89
N GLU A 61 18.73 2.42 -8.94
CA GLU A 61 18.94 1.20 -9.76
C GLU A 61 18.92 1.57 -11.26
N SER A 62 18.26 2.66 -11.64
CA SER A 62 17.92 3.00 -13.04
C SER A 62 19.18 3.34 -13.86
N THR A 63 20.33 3.62 -13.24
CA THR A 63 21.58 3.92 -13.98
C THR A 63 22.77 3.40 -13.19
N ASP A 64 23.97 3.48 -13.79
CA ASP A 64 25.26 3.18 -13.15
C ASP A 64 25.81 4.43 -12.45
N LYS A 65 25.11 5.58 -12.55
CA LYS A 65 25.53 6.89 -11.94
C LYS A 65 24.51 7.35 -10.91
N PRO A 66 24.24 6.57 -9.84
CA PRO A 66 23.14 6.91 -8.93
C PRO A 66 23.36 8.24 -8.19
N LEU A 67 24.61 8.65 -7.98
CA LEU A 67 24.92 9.92 -7.26
C LEU A 67 24.51 11.11 -8.15
N ASP A 68 24.61 10.93 -9.47
CA ASP A 68 24.26 11.99 -10.45
C ASP A 68 22.74 12.08 -10.52
N VAL A 69 22.05 10.93 -10.56
CA VAL A 69 20.56 10.86 -10.59
C VAL A 69 20.02 11.50 -9.30
N ALA A 70 20.58 11.15 -8.15
CA ALA A 70 20.20 11.75 -6.84
C ALA A 70 20.35 13.28 -6.89
N ALA A 71 21.47 13.79 -7.41
CA ALA A 71 21.75 15.24 -7.51
C ALA A 71 20.71 15.88 -8.44
N ALA A 72 20.37 15.19 -9.53
CA ALA A 72 19.43 15.68 -10.57
C ALA A 72 18.03 15.77 -9.98
N ILE A 73 17.67 14.82 -9.12
CA ILE A 73 16.37 14.83 -8.38
C ILE A 73 16.32 16.09 -7.51
N ALA A 74 17.37 16.37 -6.74
CA ALA A 74 17.41 17.55 -5.82
C ALA A 74 17.30 18.81 -6.67
N TYR A 75 18.04 18.86 -7.77
CA TYR A 75 18.06 19.99 -8.73
C TYR A 75 16.66 20.26 -9.27
N ARG A 76 15.97 19.22 -9.75
CA ARG A 76 14.64 19.36 -10.35
C ARG A 76 13.62 19.79 -9.31
N LEU A 77 13.68 19.19 -8.10
CA LEU A 77 12.77 19.57 -6.99
C LEU A 77 12.93 21.07 -6.73
N LEU A 78 14.16 21.57 -6.64
CA LEU A 78 14.38 22.99 -6.22
C LEU A 78 13.94 23.93 -7.36
N LEU A 79 14.33 23.65 -8.62
CA LEU A 79 13.91 24.47 -9.78
C LEU A 79 12.41 24.39 -10.00
N GLY A 80 11.82 23.21 -9.83
CA GLY A 80 10.38 22.97 -10.01
C GLY A 80 9.54 23.77 -9.02
N SER A 81 10.06 24.02 -7.83
CA SER A 81 9.39 24.81 -6.76
C SER A 81 9.23 26.26 -7.23
N GLY A 82 10.11 26.69 -8.15
CA GLY A 82 10.20 28.08 -8.62
C GLY A 82 10.79 29.02 -7.57
N LEU A 83 11.35 28.50 -6.46
CA LEU A 83 11.80 29.34 -5.31
C LEU A 83 13.20 29.92 -5.53
N PRO A 84 14.21 29.14 -5.99
CA PRO A 84 15.56 29.69 -6.13
C PRO A 84 15.59 30.95 -7.01
N GLN A 85 14.97 30.87 -8.18
CA GLN A 85 14.72 31.97 -9.15
C GLN A 85 14.24 33.21 -8.36
N LYS A 86 13.23 33.08 -7.52
CA LYS A 86 12.63 34.22 -6.80
C LYS A 86 13.60 34.85 -5.80
N PHE A 87 14.66 34.17 -5.36
CA PHE A 87 15.54 34.71 -4.29
C PHE A 87 16.93 34.96 -4.86
N GLY A 88 17.04 35.08 -6.18
CA GLY A 88 18.29 35.47 -6.87
C GLY A 88 19.34 34.38 -6.80
N CYS A 89 18.92 33.13 -6.63
CA CYS A 89 19.82 31.96 -6.74
C CYS A 89 19.78 31.45 -8.20
N SER A 90 20.90 31.58 -8.90
CA SER A 90 21.04 31.13 -10.29
C SER A 90 20.96 29.60 -10.31
N ASP A 91 20.60 29.04 -11.47
CA ASP A 91 20.64 27.58 -11.73
C ASP A 91 22.02 27.04 -11.38
N GLU A 92 23.08 27.78 -11.72
CA GLU A 92 24.47 27.29 -11.57
C GLU A 92 24.85 27.24 -10.08
N VAL A 93 24.50 28.27 -9.31
CA VAL A 93 24.86 28.31 -7.86
C VAL A 93 24.07 27.21 -7.15
N LEU A 94 22.83 26.99 -7.54
CA LEU A 94 21.95 25.92 -6.99
C LEU A 94 22.65 24.58 -7.18
N LEU A 95 23.14 24.33 -8.38
CA LEU A 95 23.77 23.03 -8.72
C LEU A 95 25.13 22.94 -8.01
N ASN A 96 25.91 24.01 -7.93
CA ASN A 96 27.18 24.01 -7.14
C ASN A 96 26.88 23.60 -5.68
N PHE A 97 25.88 24.22 -5.08
CA PHE A 97 25.48 23.95 -3.68
C PHE A 97 25.18 22.46 -3.51
N ILE A 98 24.36 21.89 -4.42
CA ILE A 98 23.95 20.46 -4.35
C ILE A 98 25.22 19.60 -4.40
N LEU A 99 26.17 19.91 -5.27
CA LEU A 99 27.39 19.07 -5.46
C LEU A 99 28.34 19.25 -4.28
N GLN A 100 28.45 20.46 -3.72
CA GLN A 100 29.22 20.69 -2.46
C GLN A 100 28.63 19.87 -1.30
N CYS A 101 27.30 19.86 -1.13
CA CYS A 101 26.64 18.99 -0.11
C CYS A 101 27.01 17.52 -0.37
N ARG A 102 26.88 17.09 -1.64
CA ARG A 102 27.08 15.68 -2.04
C ARG A 102 28.46 15.22 -1.63
N LYS A 103 29.50 16.01 -1.86
CA LYS A 103 30.89 15.54 -1.63
C LYS A 103 31.18 15.42 -0.12
N LYS A 104 30.33 15.98 0.75
CA LYS A 104 30.50 15.88 2.23
C LYS A 104 29.61 14.78 2.83
N TYR A 105 28.93 13.96 2.03
CA TYR A 105 28.24 12.75 2.54
C TYR A 105 29.17 11.56 2.34
N ARG A 106 29.04 10.58 3.21
CA ARG A 106 29.95 9.42 3.27
C ARG A 106 29.26 8.20 2.69
N ASN A 107 30.06 7.20 2.39
CA ASN A 107 29.58 5.89 1.92
C ASN A 107 29.15 5.07 3.14
N VAL A 108 28.06 5.46 3.82
CA VAL A 108 27.47 4.72 4.97
C VAL A 108 26.11 4.17 4.51
N PRO A 109 25.56 3.13 5.18
CA PRO A 109 24.37 2.46 4.69
C PRO A 109 23.12 3.37 4.67
N TYR A 110 22.94 4.26 5.65
CA TYR A 110 21.69 5.05 5.79
C TYR A 110 21.92 6.57 5.67
N HIS A 111 22.73 7.17 6.55
CA HIS A 111 22.92 8.64 6.58
C HIS A 111 23.90 9.08 5.50
N ASN A 112 23.54 8.81 4.26
CA ASN A 112 24.33 9.15 3.05
C ASN A 112 23.54 10.19 2.25
N PHE A 113 23.99 10.52 1.03
CA PHE A 113 23.39 11.56 0.17
C PHE A 113 21.97 11.17 -0.22
N TYR A 114 21.68 9.86 -0.38
CA TYR A 114 20.34 9.36 -0.77
C TYR A 114 19.34 9.71 0.33
N HIS A 115 19.69 9.53 1.61
CA HIS A 115 18.80 9.92 2.74
C HIS A 115 18.43 11.40 2.63
N VAL A 116 19.39 12.29 2.37
CA VAL A 116 19.08 13.76 2.46
C VAL A 116 18.29 14.17 1.21
N VAL A 117 18.56 13.56 0.07
CA VAL A 117 17.73 13.77 -1.16
C VAL A 117 16.31 13.21 -0.90
N ASP A 118 16.20 12.06 -0.22
CA ASP A 118 14.89 11.50 0.18
C ASP A 118 14.15 12.52 1.04
N VAL A 119 14.80 13.10 2.07
CA VAL A 119 14.14 14.05 3.01
C VAL A 119 13.70 15.30 2.22
N CYS A 120 14.53 15.76 1.27
CA CYS A 120 14.23 16.93 0.40
C CYS A 120 12.94 16.66 -0.41
N GLN A 121 12.91 15.51 -1.11
CA GLN A 121 11.74 15.05 -1.91
C GLN A 121 10.53 14.94 -0.98
N THR A 122 10.70 14.34 0.19
CA THR A 122 9.58 14.10 1.12
C THR A 122 9.03 15.44 1.60
N ILE A 123 9.91 16.38 1.94
CA ILE A 123 9.49 17.74 2.39
C ILE A 123 8.72 18.44 1.26
N HIS A 124 9.19 18.32 0.03
CA HIS A 124 8.47 18.84 -1.16
C HIS A 124 7.03 18.32 -1.15
N THR A 125 6.83 17.01 -0.95
CA THR A 125 5.47 16.42 -0.96
C THR A 125 4.67 17.01 0.19
N PHE A 126 5.25 17.12 1.39
CA PHE A 126 4.53 17.68 2.57
C PHE A 126 4.11 19.11 2.26
N LEU A 127 5.00 19.89 1.67
CA LEU A 127 4.72 21.32 1.35
C LEU A 127 3.61 21.40 0.29
N TYR A 128 3.74 20.65 -0.80
CA TYR A 128 2.98 20.92 -2.06
C TYR A 128 1.84 19.93 -2.28
N ARG A 129 1.96 18.67 -1.85
CA ARG A 129 0.83 17.71 -1.86
C ARG A 129 0.05 17.81 -0.55
N GLY A 130 0.73 18.08 0.56
CA GLY A 130 0.06 18.22 1.87
C GLY A 130 -0.33 19.65 2.17
N ASN A 131 0.04 20.59 1.30
CA ASN A 131 -0.38 22.01 1.34
C ASN A 131 0.18 22.72 2.57
N VAL A 132 1.27 22.20 3.14
CA VAL A 132 1.89 22.86 4.33
C VAL A 132 2.54 24.18 3.85
N TYR A 133 2.80 24.33 2.54
CA TYR A 133 3.31 25.60 1.96
C TYR A 133 2.41 26.75 2.42
N GLU A 134 1.12 26.52 2.63
CA GLU A 134 0.16 27.59 3.01
C GLU A 134 0.50 28.18 4.38
N LYS A 135 1.21 27.45 5.23
CA LYS A 135 1.53 27.88 6.63
C LYS A 135 2.81 28.75 6.65
N LEU A 136 3.58 28.78 5.55
CA LEU A 136 4.95 29.34 5.51
C LEU A 136 5.08 30.38 4.38
N THR A 137 6.06 31.27 4.50
CA THR A 137 6.47 32.18 3.42
C THR A 137 7.18 31.33 2.35
N GLU A 138 7.38 31.89 1.16
CA GLU A 138 8.16 31.24 0.10
C GLU A 138 9.62 31.08 0.53
N LEU A 139 10.19 32.05 1.26
CA LEU A 139 11.60 31.98 1.74
C LEU A 139 11.70 30.77 2.67
N GLU A 140 10.76 30.59 3.60
CA GLU A 140 10.75 29.43 4.53
C GLU A 140 10.64 28.13 3.73
N CYS A 141 9.84 28.07 2.68
CA CYS A 141 9.74 26.83 1.82
C CYS A 141 11.10 26.56 1.16
N PHE A 142 11.75 27.61 0.65
CA PHE A 142 13.09 27.52 0.02
C PHE A 142 14.09 27.01 1.05
N VAL A 143 14.12 27.62 2.24
CA VAL A 143 15.05 27.22 3.33
C VAL A 143 14.83 25.75 3.69
N LEU A 144 13.59 25.30 3.80
CA LEU A 144 13.34 23.88 4.19
C LEU A 144 13.94 22.96 3.13
N LEU A 145 13.70 23.25 1.85
CA LEU A 145 14.17 22.31 0.78
C LEU A 145 15.70 22.27 0.78
N ILE A 146 16.34 23.42 1.00
CA ILE A 146 17.82 23.56 1.07
C ILE A 146 18.31 22.88 2.35
N THR A 147 17.66 23.11 3.49
CA THR A 147 18.07 22.54 4.79
C THR A 147 18.10 21.00 4.69
N ALA A 148 17.11 20.40 4.05
CA ALA A 148 17.06 18.92 3.90
C ALA A 148 18.43 18.42 3.42
N LEU A 149 19.08 19.16 2.51
CA LEU A 149 20.30 18.66 1.81
C LEU A 149 21.54 18.84 2.70
N VAL A 150 21.51 19.73 3.70
CA VAL A 150 22.67 19.96 4.63
C VAL A 150 22.48 19.22 5.97
N HIS A 151 21.32 18.61 6.26
CA HIS A 151 20.89 18.34 7.65
C HIS A 151 21.68 17.19 8.27
N ASP A 152 22.43 16.39 7.48
CA ASP A 152 23.26 15.28 8.03
C ASP A 152 24.70 15.33 7.48
N LEU A 153 25.19 16.50 7.06
CA LEU A 153 26.53 16.60 6.40
C LEU A 153 27.59 15.87 7.23
N ASP A 154 28.36 15.01 6.56
CA ASP A 154 29.56 14.34 7.10
C ASP A 154 29.18 13.39 8.24
N HIS A 155 27.96 12.84 8.22
CA HIS A 155 27.52 11.73 9.11
C HIS A 155 28.42 10.51 8.85
N MET A 156 28.87 9.84 9.91
CA MET A 156 29.85 8.73 9.79
C MET A 156 29.17 7.39 10.16
N GLY A 157 27.84 7.37 10.34
CA GLY A 157 27.03 6.18 10.65
C GLY A 157 27.06 5.82 12.13
N LEU A 158 27.40 6.79 12.98
CA LEU A 158 27.46 6.66 14.46
C LEU A 158 26.59 7.76 15.06
N ASN A 159 25.80 7.45 16.08
CA ASN A 159 24.83 8.41 16.65
C ASN A 159 25.53 9.24 17.74
N ASN A 160 24.84 10.23 18.31
CA ASN A 160 25.43 11.16 19.31
C ASN A 160 25.94 10.35 20.51
N SER A 161 25.18 9.33 20.92
CA SER A 161 25.50 8.44 22.05
C SER A 161 26.90 7.81 21.89
N PHE A 162 27.23 7.29 20.71
CA PHE A 162 28.54 6.65 20.44
C PHE A 162 29.68 7.60 20.83
N TYR A 163 29.59 8.87 20.40
CA TYR A 163 30.64 9.89 20.60
C TYR A 163 30.80 10.16 22.08
N LEU A 164 29.71 10.23 22.84
CA LEU A 164 29.74 10.56 24.28
C LEU A 164 30.24 9.35 25.09
N LYS A 165 29.73 8.15 24.80
CA LYS A 165 30.11 6.90 25.52
C LYS A 165 31.58 6.57 25.30
N THR A 166 32.13 6.76 24.09
CA THR A 166 33.52 6.40 23.76
C THR A 166 34.49 7.53 24.15
N GLU A 167 33.98 8.62 24.76
CA GLU A 167 34.77 9.84 25.06
C GLU A 167 35.61 10.20 23.83
N SER A 168 35.01 10.11 22.64
CA SER A 168 35.59 10.54 21.35
C SER A 168 35.91 12.02 21.42
N PRO A 169 36.95 12.53 20.72
CA PRO A 169 37.22 13.98 20.65
C PRO A 169 36.00 14.91 20.41
N LEU A 170 35.16 14.60 19.42
CA LEU A 170 33.90 15.36 19.17
C LEU A 170 33.01 15.29 20.41
N GLY A 171 32.90 14.11 21.03
CA GLY A 171 32.12 13.90 22.26
C GLY A 171 32.61 14.84 23.36
N ILE A 172 33.92 14.87 23.59
CA ILE A 172 34.57 15.69 24.65
C ILE A 172 34.29 17.17 24.36
N LEU A 173 34.47 17.61 23.11
CA LEU A 173 34.21 19.01 22.67
C LEU A 173 32.76 19.40 22.98
N SER A 174 31.80 18.54 22.67
CA SER A 174 30.35 18.76 22.94
C SER A 174 30.11 18.93 24.43
N SER A 175 30.55 17.97 25.25
CA SER A 175 30.43 18.02 26.73
C SER A 175 31.05 19.34 27.22
N ALA A 176 32.32 19.61 26.88
CA ALA A 176 33.06 20.81 27.31
C ALA A 176 32.27 22.07 26.95
N SER A 177 31.68 22.17 25.76
CA SER A 177 31.04 23.42 25.27
C SER A 177 29.55 23.48 25.66
N GLY A 178 28.99 22.43 26.22
CA GLY A 178 27.62 22.44 26.80
C GLY A 178 26.53 22.09 25.80
N ASN A 179 26.84 21.61 24.60
CA ASN A 179 25.80 21.13 23.63
C ASN A 179 26.06 19.66 23.28
N THR A 180 25.21 18.76 23.78
CA THR A 180 25.28 17.30 23.53
C THR A 180 24.68 16.92 22.16
N SER A 181 24.19 17.87 21.37
CA SER A 181 23.79 17.57 19.96
C SER A 181 25.07 17.50 19.11
N VAL A 182 25.85 16.44 19.30
CA VAL A 182 27.22 16.28 18.72
C VAL A 182 27.11 16.44 17.19
N LEU A 183 26.30 15.62 16.53
CA LEU A 183 26.27 15.58 15.05
C LEU A 183 25.61 16.84 14.49
N GLU A 184 24.51 17.28 15.11
CA GLU A 184 23.67 18.37 14.55
C GLU A 184 24.51 19.64 14.50
N VAL A 185 25.30 19.91 15.54
CA VAL A 185 26.20 21.11 15.54
C VAL A 185 27.24 20.96 14.43
N HIS A 186 27.81 19.76 14.27
CA HIS A 186 28.79 19.44 13.20
C HIS A 186 28.15 19.70 11.83
N HIS A 187 26.91 19.24 11.61
CA HIS A 187 26.20 19.43 10.32
C HIS A 187 26.09 20.95 10.05
N CYS A 188 25.68 21.73 11.04
CA CYS A 188 25.47 23.20 10.92
C CYS A 188 26.80 23.88 10.55
N ASN A 189 27.90 23.44 11.17
CA ASN A 189 29.25 23.98 10.89
C ASN A 189 29.56 23.79 9.41
N LEU A 190 29.29 22.61 8.84
CA LEU A 190 29.70 22.36 7.43
C LEU A 190 28.70 23.08 6.50
N ALA A 191 27.45 23.27 6.92
CA ALA A 191 26.46 24.03 6.12
C ALA A 191 27.00 25.46 5.96
N VAL A 192 27.34 26.12 7.05
CA VAL A 192 27.87 27.51 7.07
C VAL A 192 29.11 27.57 6.16
N GLU A 193 30.00 26.60 6.25
CA GLU A 193 31.23 26.53 5.43
C GLU A 193 30.86 26.55 3.93
N ILE A 194 29.89 25.73 3.48
CA ILE A 194 29.53 25.70 2.04
C ILE A 194 28.97 27.06 1.62
N LEU A 195 28.13 27.66 2.47
CA LEU A 195 27.38 28.90 2.15
C LEU A 195 28.29 30.15 2.24
N SER A 196 29.52 30.02 2.74
CA SER A 196 30.45 31.17 2.93
C SER A 196 31.09 31.55 1.57
N ASP A 197 31.09 30.60 0.62
CA ASP A 197 31.53 30.81 -0.78
C ASP A 197 30.34 31.23 -1.64
N PRO A 198 30.35 32.46 -2.23
CA PRO A 198 29.28 32.91 -3.13
C PRO A 198 28.90 31.96 -4.27
N GLU A 199 29.85 31.18 -4.80
CA GLU A 199 29.63 30.25 -5.94
C GLU A 199 28.69 29.10 -5.50
N SER A 200 28.59 28.84 -4.19
CA SER A 200 27.70 27.78 -3.62
C SER A 200 26.73 28.37 -2.59
N ASP A 201 26.56 29.69 -2.53
CA ASP A 201 25.64 30.31 -1.54
C ASP A 201 24.25 30.49 -2.14
N VAL A 202 23.34 29.53 -1.94
CA VAL A 202 21.92 29.62 -2.43
C VAL A 202 21.21 30.79 -1.77
N PHE A 203 21.80 31.40 -0.74
CA PHE A 203 21.19 32.55 0.00
C PHE A 203 21.87 33.86 -0.35
N ASP A 204 22.76 33.90 -1.35
CA ASP A 204 23.56 35.11 -1.72
C ASP A 204 22.63 36.23 -2.20
N GLY A 205 21.47 35.88 -2.75
CA GLY A 205 20.45 36.83 -3.17
C GLY A 205 19.80 37.58 -2.05
N LEU A 206 20.02 37.19 -0.80
CA LEU A 206 19.33 37.77 0.39
C LEU A 206 20.26 38.74 1.10
N GLU A 207 19.69 39.67 1.86
CA GLU A 207 20.47 40.57 2.75
C GLU A 207 19.61 40.91 3.95
N GLY A 208 20.21 41.57 4.95
CA GLY A 208 19.51 42.05 6.15
C GLY A 208 18.73 40.92 6.79
N ALA A 209 17.52 41.21 7.24
CA ALA A 209 16.68 40.30 8.06
C ALA A 209 16.41 39.00 7.31
N GLU A 210 16.30 39.03 5.98
CA GLU A 210 15.97 37.83 5.19
C GLU A 210 17.15 36.86 5.24
N ARG A 211 18.37 37.36 5.05
CA ARG A 211 19.57 36.49 5.07
C ARG A 211 19.71 35.90 6.47
N THR A 212 19.53 36.72 7.51
CA THR A 212 19.59 36.26 8.93
C THR A 212 18.54 35.17 9.16
N LEU A 213 17.28 35.40 8.76
CA LEU A 213 16.20 34.40 8.92
C LEU A 213 16.58 33.10 8.22
N ALA A 214 17.14 33.18 7.02
CA ALA A 214 17.49 31.98 6.23
C ALA A 214 18.48 31.12 7.02
N PHE A 215 19.56 31.74 7.53
CA PHE A 215 20.63 31.04 8.29
C PHE A 215 20.04 30.58 9.63
N ARG A 216 19.35 31.44 10.36
CA ARG A 216 18.88 31.09 11.73
C ARG A 216 17.89 29.93 11.61
N SER A 217 16.98 29.98 10.63
CA SER A 217 15.89 28.99 10.47
C SER A 217 16.53 27.67 10.00
N MET A 218 17.50 27.72 9.12
CA MET A 218 18.24 26.50 8.68
C MET A 218 18.86 25.82 9.92
N ILE A 219 19.58 26.59 10.73
CA ILE A 219 20.33 26.06 11.90
C ILE A 219 19.33 25.54 12.94
N ASP A 220 18.26 26.29 13.24
CA ASP A 220 17.23 25.86 14.22
C ASP A 220 16.66 24.52 13.76
N CYS A 221 16.38 24.37 12.47
CA CYS A 221 15.80 23.13 11.89
C CYS A 221 16.78 21.96 12.08
N VAL A 222 18.05 22.14 11.71
CA VAL A 222 19.04 21.04 11.86
C VAL A 222 19.17 20.67 13.34
N LEU A 223 19.31 21.66 14.23
CA LEU A 223 19.46 21.39 15.68
C LEU A 223 18.25 20.59 16.19
N ALA A 224 17.05 20.85 15.64
CA ALA A 224 15.78 20.20 16.07
C ALA A 224 15.70 18.73 15.60
N THR A 225 16.57 18.24 14.72
CA THR A 225 16.56 16.83 14.27
C THR A 225 17.18 15.89 15.33
N ASP A 226 17.78 16.42 16.40
CA ASP A 226 18.30 15.59 17.52
C ASP A 226 17.12 14.88 18.20
N MET A 227 17.07 13.54 18.13
CA MET A 227 15.88 12.76 18.62
C MET A 227 15.78 12.86 20.16
N ALA A 228 16.84 13.29 20.83
CA ALA A 228 16.83 13.63 22.28
C ALA A 228 15.82 14.75 22.54
N LYS A 229 15.56 15.63 21.57
CA LYS A 229 14.64 16.79 21.71
C LYS A 229 13.28 16.48 21.07
N HIS A 230 13.03 15.24 20.63
CA HIS A 230 11.79 14.87 19.90
C HIS A 230 10.55 15.30 20.68
N GLY A 231 10.41 14.79 21.91
CA GLY A 231 9.21 15.05 22.75
C GLY A 231 8.96 16.54 22.90
N SER A 232 9.98 17.32 23.22
CA SER A 232 9.80 18.75 23.55
C SER A 232 9.53 19.57 22.26
N ALA A 233 10.18 19.26 21.14
CA ALA A 233 9.91 19.88 19.82
C ALA A 233 8.44 19.64 19.42
N LEU A 234 7.96 18.39 19.55
CA LEU A 234 6.56 18.03 19.25
C LEU A 234 5.60 18.83 20.14
N GLU A 235 5.84 18.82 21.47
CA GLU A 235 4.94 19.48 22.46
C GLU A 235 4.92 21.01 22.22
N ALA A 236 6.06 21.62 21.88
CA ALA A 236 6.14 23.08 21.60
C ALA A 236 5.29 23.43 20.37
N PHE A 237 5.42 22.64 19.29
CA PHE A 237 4.62 22.84 18.06
C PHE A 237 3.13 22.69 18.35
N LEU A 238 2.74 21.65 19.09
CA LEU A 238 1.31 21.38 19.37
C LEU A 238 0.71 22.53 20.19
N ALA A 239 1.47 23.06 21.15
CA ALA A 239 0.99 24.14 22.05
C ALA A 239 0.86 25.43 21.24
N SER A 240 1.79 25.68 20.32
CA SER A 240 1.75 26.86 19.43
C SER A 240 0.54 26.74 18.49
N ALA A 241 0.32 25.57 17.88
CA ALA A 241 -0.79 25.32 16.93
C ALA A 241 -2.15 25.47 17.62
N ALA A 242 -2.28 25.08 18.90
CA ALA A 242 -3.56 25.16 19.65
C ALA A 242 -3.85 26.59 20.07
N ASP A 243 -2.86 27.50 19.99
CA ASP A 243 -2.90 28.86 20.57
C ASP A 243 -3.11 29.88 19.44
N GLN A 244 -4.33 30.40 19.32
CA GLN A 244 -4.69 31.47 18.35
C GLN A 244 -3.83 32.73 18.56
N SER A 245 -3.31 32.96 19.77
CA SER A 245 -2.43 34.12 20.09
C SER A 245 -0.95 33.74 20.10
N SER A 246 -0.57 32.59 19.55
CA SER A 246 0.86 32.24 19.45
C SER A 246 1.58 33.36 18.68
N ASP A 247 2.81 33.70 19.08
CA ASP A 247 3.70 34.55 18.27
C ASP A 247 3.81 33.94 16.86
N GLU A 248 3.60 34.72 15.81
CA GLU A 248 3.54 34.25 14.40
C GLU A 248 4.91 33.73 13.97
N ALA A 249 5.96 34.51 14.19
CA ALA A 249 7.35 34.13 13.87
C ALA A 249 7.72 32.80 14.53
N ALA A 250 7.42 32.64 15.82
CA ALA A 250 7.64 31.40 16.59
C ALA A 250 6.87 30.22 15.96
N PHE A 251 5.60 30.41 15.58
CA PHE A 251 4.76 29.35 14.97
C PHE A 251 5.36 28.92 13.62
N HIS A 252 5.80 29.89 12.81
CA HIS A 252 6.47 29.62 11.52
C HIS A 252 7.72 28.78 11.80
N ARG A 253 8.54 29.19 12.76
CA ARG A 253 9.84 28.51 13.03
C ARG A 253 9.57 27.07 13.47
N MET A 254 8.59 26.86 14.34
CA MET A 254 8.28 25.51 14.90
C MET A 254 7.67 24.62 13.81
N THR A 255 6.90 25.21 12.89
CA THR A 255 6.35 24.49 11.72
C THR A 255 7.52 24.00 10.85
N MET A 256 8.51 24.84 10.58
CA MET A 256 9.73 24.44 9.83
C MET A 256 10.44 23.28 10.54
N GLU A 257 10.66 23.39 11.83
CA GLU A 257 11.37 22.37 12.65
C GLU A 257 10.61 21.04 12.55
N ILE A 258 9.30 21.10 12.65
CA ILE A 258 8.41 19.91 12.70
C ILE A 258 8.41 19.24 11.32
N ILE A 259 8.53 20.03 10.25
CA ILE A 259 8.51 19.51 8.85
C ILE A 259 9.85 18.84 8.58
N LEU A 260 10.98 19.40 9.00
CA LEU A 260 12.28 18.71 8.79
C LEU A 260 12.29 17.43 9.65
N LYS A 261 11.80 17.49 10.90
CA LYS A 261 11.67 16.29 11.76
C LYS A 261 10.80 15.26 11.04
N ALA A 262 9.64 15.68 10.51
CA ALA A 262 8.69 14.79 9.79
C ALA A 262 9.40 14.10 8.61
N GLY A 263 10.14 14.87 7.80
CA GLY A 263 10.89 14.31 6.67
C GLY A 263 11.93 13.31 7.15
N ASP A 264 12.54 13.61 8.29
CA ASP A 264 13.66 12.81 8.82
C ASP A 264 13.16 11.45 9.34
N ILE A 265 11.91 11.36 9.85
CA ILE A 265 11.31 10.08 10.31
C ILE A 265 10.18 9.63 9.36
N SER A 266 10.31 9.91 8.05
CA SER A 266 9.21 9.73 7.06
C SER A 266 9.23 8.33 6.45
N ASN A 267 10.26 7.52 6.73
CA ASN A 267 10.49 6.22 6.08
C ASN A 267 9.22 5.35 6.22
N VAL A 268 8.53 5.39 7.37
CA VAL A 268 7.34 4.53 7.65
C VAL A 268 6.08 5.10 6.99
N THR A 269 6.13 6.29 6.38
CA THR A 269 4.97 6.88 5.66
C THR A 269 5.05 6.50 4.17
N LYS A 270 6.06 5.74 3.75
CA LYS A 270 6.26 5.39 2.32
C LYS A 270 5.64 4.04 2.01
N PRO A 271 5.35 3.78 0.71
CA PRO A 271 4.89 2.45 0.30
C PRO A 271 5.80 1.40 0.91
N PHE A 272 5.18 0.32 1.36
CA PHE A 272 5.77 -0.74 2.22
C PHE A 272 7.16 -1.14 1.70
N ASP A 273 7.33 -1.35 0.41
CA ASP A 273 8.64 -1.90 -0.06
C ASP A 273 9.73 -0.85 0.02
N ILE A 274 9.39 0.44 -0.20
CA ILE A 274 10.35 1.57 -0.01
C ILE A 274 10.73 1.64 1.47
N SER A 275 9.71 1.57 2.33
CA SER A 275 9.81 1.61 3.81
C SER A 275 10.78 0.53 4.31
N ARG A 276 10.62 -0.68 3.78
CA ARG A 276 11.42 -1.87 4.15
C ARG A 276 12.87 -1.68 3.73
N GLN A 277 13.13 -1.22 2.52
CA GLN A 277 14.52 -0.97 2.05
C GLN A 277 15.20 0.05 2.99
N TRP A 278 14.48 1.10 3.40
CA TRP A 278 15.04 2.10 4.36
C TRP A 278 15.39 1.40 5.69
N ALA A 279 14.52 0.54 6.17
CA ALA A 279 14.66 -0.11 7.50
C ALA A 279 15.85 -1.07 7.47
N MET A 280 16.11 -1.73 6.33
CA MET A 280 17.29 -2.62 6.16
C MET A 280 18.57 -1.80 6.24
N ALA A 281 18.61 -0.66 5.54
CA ALA A 281 19.77 0.25 5.48
C ALA A 281 20.07 0.79 6.89
N VAL A 282 19.06 1.24 7.64
CA VAL A 282 19.27 1.78 9.00
C VAL A 282 19.74 0.64 9.93
N THR A 283 19.23 -0.60 9.76
CA THR A 283 19.60 -1.74 10.63
C THR A 283 21.08 -2.08 10.42
N GLU A 284 21.53 -2.10 9.17
CA GLU A 284 22.97 -2.37 8.87
C GLU A 284 23.83 -1.27 9.51
N GLU A 285 23.38 -0.02 9.49
CA GLU A 285 24.18 1.11 10.04
C GLU A 285 24.28 0.93 11.56
N PHE A 286 23.17 0.60 12.21
CA PHE A 286 23.11 0.36 13.68
C PHE A 286 24.05 -0.79 14.03
N TYR A 287 24.09 -1.84 13.21
CA TYR A 287 24.89 -3.07 13.47
C TYR A 287 26.38 -2.73 13.39
N ARG A 288 26.79 -1.91 12.42
CA ARG A 288 28.21 -1.49 12.30
C ARG A 288 28.59 -0.66 13.53
N GLN A 289 27.65 0.16 14.05
CA GLN A 289 27.92 0.95 15.28
C GLN A 289 28.15 -0.03 16.43
N GLY A 290 27.26 -1.02 16.59
CA GLY A 290 27.32 -2.04 17.66
C GLY A 290 28.62 -2.82 17.59
N ASP A 291 29.08 -3.15 16.38
CA ASP A 291 30.37 -3.82 16.12
C ASP A 291 31.50 -2.96 16.70
N MET A 292 31.53 -1.66 16.41
CA MET A 292 32.57 -0.73 16.91
C MET A 292 32.46 -0.54 18.43
N GLU A 293 31.25 -0.56 18.98
CA GLU A 293 31.03 -0.40 20.44
C GLU A 293 31.59 -1.63 21.18
N LYS A 294 31.38 -2.83 20.63
CA LYS A 294 31.92 -4.10 21.17
C LYS A 294 33.44 -3.98 21.16
N GLU A 295 33.99 -3.61 20.01
CA GLU A 295 35.45 -3.44 19.76
C GLU A 295 36.05 -2.47 20.79
N ARG A 296 35.33 -1.41 21.17
CA ARG A 296 35.81 -0.37 22.11
C ARG A 296 35.38 -0.74 23.54
N GLY A 297 34.78 -1.91 23.74
CA GLY A 297 34.24 -2.34 25.04
C GLY A 297 33.27 -1.33 25.67
N VAL A 298 32.42 -0.64 24.91
CA VAL A 298 31.32 0.20 25.49
C VAL A 298 29.98 -0.54 25.33
N GLU A 299 28.96 -0.12 26.08
CA GLU A 299 27.56 -0.65 26.06
C GLU A 299 27.02 -0.72 24.62
N VAL A 300 26.45 -1.86 24.23
CA VAL A 300 25.76 -2.07 22.92
C VAL A 300 24.26 -2.27 23.22
N LEU A 301 23.40 -1.35 22.80
CA LEU A 301 21.92 -1.53 22.96
C LEU A 301 21.50 -2.73 22.12
N PRO A 302 20.43 -3.46 22.52
CA PRO A 302 20.04 -4.70 21.83
C PRO A 302 19.87 -4.53 20.31
N MET A 303 19.30 -3.38 19.92
CA MET A 303 18.97 -2.97 18.53
C MET A 303 20.24 -2.79 17.70
N PHE A 304 21.40 -2.57 18.32
CA PHE A 304 22.67 -2.32 17.59
C PHE A 304 23.49 -3.62 17.58
N ASP A 305 22.96 -4.68 18.20
CA ASP A 305 23.67 -5.96 18.45
C ASP A 305 23.41 -6.95 17.32
N ARG A 306 24.38 -7.15 16.44
CA ARG A 306 24.30 -8.03 15.24
C ARG A 306 23.94 -9.47 15.63
N SER A 307 24.25 -9.89 16.85
CA SER A 307 24.11 -11.29 17.34
C SER A 307 22.72 -11.54 17.94
N LYS A 308 21.92 -10.49 18.16
CA LYS A 308 20.53 -10.66 18.68
C LYS A 308 19.57 -10.86 17.50
N ASN A 309 19.98 -10.44 16.29
CA ASN A 309 19.28 -10.62 14.99
C ASN A 309 17.76 -10.46 15.17
N MET A 310 17.35 -9.41 15.89
CA MET A 310 15.94 -9.08 16.22
C MET A 310 15.16 -8.81 14.93
N GLU A 311 13.85 -9.07 14.93
CA GLU A 311 13.06 -9.11 13.67
C GLU A 311 12.72 -7.69 13.21
N LEU A 312 12.87 -7.45 11.92
CA LEU A 312 12.51 -6.18 11.25
C LEU A 312 11.06 -5.82 11.60
N ALA A 313 10.12 -6.76 11.47
CA ALA A 313 8.65 -6.52 11.63
C ALA A 313 8.36 -5.91 13.01
N LYS A 314 8.87 -6.55 14.07
CA LYS A 314 8.65 -6.09 15.47
C LYS A 314 9.28 -4.70 15.65
N GLY A 315 10.45 -4.47 15.05
CA GLY A 315 11.15 -3.18 15.11
C GLY A 315 10.32 -2.08 14.47
N GLN A 316 9.75 -2.34 13.27
CA GLN A 316 8.96 -1.33 12.53
C GLN A 316 7.66 -1.06 13.29
N ILE A 317 6.99 -2.10 13.80
CA ILE A 317 5.73 -1.92 14.57
C ILE A 317 6.03 -1.08 15.82
N GLY A 318 7.13 -1.38 16.52
CA GLY A 318 7.52 -0.67 17.76
C GLY A 318 7.74 0.80 17.45
N PHE A 319 8.49 1.08 16.39
CA PHE A 319 8.78 2.48 15.99
C PHE A 319 7.47 3.20 15.63
N ILE A 320 6.60 2.49 14.91
CA ILE A 320 5.25 3.00 14.53
C ILE A 320 4.44 3.34 15.78
N ASP A 321 4.30 2.41 16.72
CA ASP A 321 3.39 2.55 17.89
C ASP A 321 3.88 3.65 18.83
N PHE A 322 5.18 3.71 19.09
CA PHE A 322 5.74 4.56 20.18
C PHE A 322 6.24 5.90 19.62
N VAL A 323 6.60 6.02 18.34
CA VAL A 323 7.18 7.28 17.80
C VAL A 323 6.34 7.85 16.63
N ALA A 324 6.28 7.14 15.48
CA ALA A 324 5.84 7.72 14.19
C ALA A 324 4.32 7.94 14.14
N ALA A 325 3.49 6.97 14.59
CA ALA A 325 2.02 7.09 14.48
C ALA A 325 1.56 8.24 15.36
N PRO A 326 1.94 8.31 16.65
CA PRO A 326 1.53 9.43 17.49
C PRO A 326 2.02 10.78 16.93
N PHE A 327 3.24 10.85 16.39
CA PHE A 327 3.83 12.12 15.89
C PHE A 327 3.00 12.63 14.71
N PHE A 328 2.83 11.78 13.69
CA PHE A 328 2.11 12.15 12.45
C PHE A 328 0.63 12.41 12.76
N GLN A 329 0.01 11.62 13.63
CA GLN A 329 -1.44 11.79 13.93
C GLN A 329 -1.62 13.15 14.63
N LYS A 330 -0.79 13.44 15.65
CA LYS A 330 -0.95 14.69 16.45
C LYS A 330 -0.73 15.94 15.59
N ILE A 331 0.24 15.94 14.68
CA ILE A 331 0.56 17.18 13.89
C ILE A 331 -0.52 17.35 12.83
N VAL A 332 -1.03 16.26 12.25
CA VAL A 332 -2.12 16.31 11.25
C VAL A 332 -3.36 16.88 11.94
N ASP A 333 -3.72 16.32 13.10
CA ASP A 333 -4.94 16.71 13.85
C ASP A 333 -4.81 18.14 14.34
N ALA A 334 -3.61 18.54 14.76
CA ALA A 334 -3.36 19.91 15.26
C ALA A 334 -3.74 20.93 14.18
N CYS A 335 -3.09 20.86 13.01
CA CYS A 335 -3.37 21.79 11.89
C CYS A 335 -3.01 21.12 10.56
N LEU A 336 -1.94 20.32 10.56
CA LEU A 336 -1.48 19.61 9.33
C LEU A 336 -2.55 18.59 8.92
N GLN A 337 -3.67 19.07 8.37
CA GLN A 337 -4.78 18.18 7.91
C GLN A 337 -4.45 17.60 6.53
N GLY A 338 -3.77 18.37 5.70
CA GLY A 338 -3.40 17.95 4.34
C GLY A 338 -2.43 16.77 4.34
N MET A 339 -1.76 16.47 5.47
CA MET A 339 -0.76 15.37 5.49
C MET A 339 -1.39 14.06 6.02
N GLN A 340 -2.73 13.98 6.04
CA GLN A 340 -3.50 12.79 6.49
C GLN A 340 -2.95 11.50 5.86
N TRP A 341 -2.56 11.50 4.59
CA TRP A 341 -2.05 10.27 3.90
C TRP A 341 -0.87 9.65 4.65
N THR A 342 -0.10 10.43 5.42
CA THR A 342 1.07 9.89 6.15
C THR A 342 0.54 8.91 7.21
N VAL A 343 -0.50 9.30 7.93
CA VAL A 343 -1.18 8.51 9.01
C VAL A 343 -1.81 7.26 8.38
N ASP A 344 -2.42 7.41 7.20
CA ASP A 344 -3.08 6.31 6.45
C ASP A 344 -2.02 5.27 6.08
N ARG A 345 -0.88 5.71 5.53
CA ARG A 345 0.20 4.78 5.13
C ARG A 345 0.86 4.10 6.34
N ILE A 346 1.03 4.81 7.46
CA ILE A 346 1.64 4.19 8.67
C ILE A 346 0.72 3.03 9.09
N LYS A 347 -0.60 3.28 9.07
CA LYS A 347 -1.65 2.32 9.49
C LYS A 347 -1.58 1.09 8.57
N SER A 348 -1.54 1.33 7.26
CA SER A 348 -1.41 0.27 6.22
C SER A 348 -0.07 -0.47 6.38
N ASN A 349 1.04 0.22 6.66
CA ASN A 349 2.35 -0.44 6.85
C ASN A 349 2.34 -1.29 8.13
N ARG A 350 1.76 -0.79 9.21
CA ARG A 350 1.66 -1.56 10.47
C ARG A 350 0.88 -2.86 10.21
N ALA A 351 -0.25 -2.79 9.51
CA ALA A 351 -1.12 -3.95 9.19
C ALA A 351 -0.34 -4.96 8.34
N GLN A 352 0.51 -4.48 7.44
CA GLN A 352 1.35 -5.36 6.57
C GLN A 352 2.43 -6.07 7.39
N TRP A 353 3.06 -5.38 8.35
CA TRP A 353 4.09 -5.99 9.25
C TRP A 353 3.42 -7.04 10.12
N GLU A 354 2.20 -6.77 10.61
CA GLU A 354 1.36 -7.71 11.39
C GLU A 354 1.12 -9.00 10.58
N ARG A 355 0.98 -8.87 9.26
CA ARG A 355 0.77 -10.02 8.33
C ARG A 355 2.07 -10.79 8.13
N VAL A 356 3.21 -10.12 8.14
CA VAL A 356 4.54 -10.80 8.13
C VAL A 356 4.64 -11.66 9.40
N LEU A 357 4.20 -11.15 10.54
CA LEU A 357 4.23 -11.89 11.83
C LEU A 357 3.22 -13.04 11.78
N GLU A 358 1.97 -12.74 11.39
CA GLU A 358 0.82 -13.69 11.36
C GLU A 358 1.16 -14.92 10.50
N THR A 359 1.97 -14.76 9.43
CA THR A 359 2.27 -15.83 8.44
C THR A 359 3.65 -16.46 8.69
N ARG A 360 4.42 -15.99 9.67
CA ARG A 360 5.79 -16.53 9.90
C ARG A 360 5.72 -17.94 10.53
N VAL B 28 -19.15 -16.44 16.53
CA VAL B 28 -20.08 -16.57 17.69
C VAL B 28 -20.70 -15.19 18.01
N THR B 29 -19.97 -14.07 17.81
CA THR B 29 -20.42 -12.69 18.15
C THR B 29 -21.62 -12.27 17.29
N ALA B 30 -22.76 -11.97 17.90
CA ALA B 30 -24.03 -11.73 17.19
C ALA B 30 -23.96 -10.37 16.49
N ILE B 31 -24.67 -10.23 15.37
CA ILE B 31 -24.90 -8.93 14.69
C ILE B 31 -25.92 -8.16 15.54
N THR B 32 -25.77 -6.84 15.64
CA THR B 32 -26.70 -6.00 16.43
C THR B 32 -27.70 -5.27 15.52
N LYS B 33 -28.80 -4.78 16.08
CA LYS B 33 -29.86 -4.04 15.36
C LYS B 33 -29.24 -2.83 14.67
N VAL B 34 -28.34 -2.13 15.35
CA VAL B 34 -27.67 -0.91 14.80
C VAL B 34 -26.91 -1.30 13.52
N GLU B 35 -26.20 -2.43 13.54
CA GLU B 35 -25.45 -2.94 12.36
C GLU B 35 -26.42 -3.25 11.23
N ARG B 36 -27.55 -3.87 11.53
CA ARG B 36 -28.52 -4.19 10.46
C ARG B 36 -29.10 -2.89 9.88
N GLU B 37 -29.46 -1.95 10.75
CA GLU B 37 -30.08 -0.66 10.40
C GLU B 37 -29.19 0.16 9.49
N ALA B 38 -27.90 0.21 9.78
CA ALA B 38 -26.90 0.92 8.95
C ALA B 38 -26.95 0.41 7.51
N VAL B 39 -27.25 -0.88 7.31
CA VAL B 39 -27.41 -1.48 5.94
C VAL B 39 -28.78 -1.11 5.39
N LEU B 40 -29.83 -1.28 6.20
CA LEU B 40 -31.25 -1.15 5.76
C LEU B 40 -31.53 0.28 5.29
N VAL B 41 -30.84 1.27 5.85
CA VAL B 41 -30.98 2.72 5.52
C VAL B 41 -30.53 2.99 4.07
N CYS B 42 -29.57 2.23 3.53
CA CYS B 42 -29.01 2.46 2.17
C CYS B 42 -30.05 2.11 1.12
N GLU B 43 -30.46 3.08 0.30
CA GLU B 43 -31.55 2.93 -0.70
C GLU B 43 -30.99 2.80 -2.13
N LEU B 44 -29.68 2.91 -2.33
CA LEU B 44 -29.01 2.69 -3.64
C LEU B 44 -29.76 3.45 -4.74
N PRO B 45 -30.04 4.76 -4.54
CA PRO B 45 -30.85 5.51 -5.49
C PRO B 45 -30.07 5.54 -6.82
N SER B 46 -30.75 5.19 -7.92
CA SER B 46 -30.23 5.30 -9.31
C SER B 46 -29.42 4.06 -9.73
N PHE B 47 -29.30 3.02 -8.89
CA PHE B 47 -28.51 1.80 -9.23
C PHE B 47 -29.48 0.70 -9.64
N ASP B 48 -29.16 -0.07 -10.68
CA ASP B 48 -29.85 -1.36 -10.99
C ASP B 48 -28.87 -2.51 -10.73
N VAL B 49 -29.03 -3.18 -9.58
CA VAL B 49 -28.09 -4.25 -9.13
C VAL B 49 -28.16 -5.47 -10.05
N THR B 50 -29.19 -5.60 -10.88
CA THR B 50 -29.38 -6.78 -11.76
C THR B 50 -28.75 -6.56 -13.14
N ASP B 51 -28.18 -5.39 -13.40
CA ASP B 51 -27.77 -4.98 -14.78
C ASP B 51 -26.32 -5.41 -15.02
N VAL B 52 -25.99 -5.91 -16.21
CA VAL B 52 -24.60 -6.36 -16.53
C VAL B 52 -23.63 -5.17 -16.57
N GLU B 53 -24.12 -3.92 -16.57
CA GLU B 53 -23.27 -2.70 -16.62
C GLU B 53 -23.24 -2.02 -15.26
N PHE B 54 -23.90 -2.60 -14.27
CA PHE B 54 -23.82 -2.16 -12.86
C PHE B 54 -22.35 -1.90 -12.49
N ASP B 55 -22.11 -0.77 -11.80
CA ASP B 55 -20.76 -0.23 -11.48
C ASP B 55 -20.64 -0.15 -9.96
N LEU B 56 -19.94 -1.13 -9.36
CA LEU B 56 -19.74 -1.24 -7.90
C LEU B 56 -18.78 -0.13 -7.43
N PHE B 57 -17.83 0.30 -8.26
CA PHE B 57 -16.91 1.42 -7.96
C PHE B 57 -17.72 2.70 -7.79
N ARG B 58 -18.66 2.97 -8.69
CA ARG B 58 -19.54 4.17 -8.58
C ARG B 58 -20.38 4.03 -7.32
N ALA B 59 -20.94 2.85 -7.03
CA ALA B 59 -21.74 2.59 -5.81
C ALA B 59 -20.90 2.84 -4.54
N ARG B 60 -19.61 2.46 -4.56
CA ARG B 60 -18.67 2.64 -3.42
C ARG B 60 -18.40 4.14 -3.18
N GLU B 61 -18.10 4.88 -4.25
CA GLU B 61 -17.82 6.34 -4.24
C GLU B 61 -19.08 7.11 -3.82
N SER B 62 -20.27 6.55 -3.99
CA SER B 62 -21.58 7.26 -3.86
C SER B 62 -21.87 7.66 -2.40
N THR B 63 -21.17 7.11 -1.41
CA THR B 63 -21.42 7.39 0.04
C THR B 63 -20.08 7.35 0.76
N ASP B 64 -20.07 7.81 2.01
CA ASP B 64 -18.91 7.71 2.93
C ASP B 64 -18.90 6.34 3.64
N LYS B 65 -19.96 5.52 3.44
CA LYS B 65 -20.13 4.19 4.09
C LYS B 65 -20.19 3.10 3.01
N PRO B 66 -19.12 2.92 2.23
CA PRO B 66 -19.17 1.97 1.12
C PRO B 66 -19.39 0.51 1.59
N LEU B 67 -18.99 0.15 2.81
CA LEU B 67 -19.17 -1.24 3.31
C LEU B 67 -20.66 -1.50 3.54
N ASP B 68 -21.41 -0.46 3.92
CA ASP B 68 -22.88 -0.55 4.15
C ASP B 68 -23.57 -0.67 2.79
N VAL B 69 -23.15 0.13 1.81
CA VAL B 69 -23.71 0.11 0.43
C VAL B 69 -23.49 -1.29 -0.16
N ALA B 70 -22.26 -1.81 -0.06
CA ALA B 70 -21.88 -3.15 -0.54
C ALA B 70 -22.79 -4.20 0.10
N ALA B 71 -23.03 -4.13 1.41
CA ALA B 71 -23.87 -5.11 2.14
C ALA B 71 -25.31 -5.03 1.59
N ALA B 72 -25.79 -3.80 1.37
CA ALA B 72 -27.16 -3.52 0.89
C ALA B 72 -27.33 -4.08 -0.53
N ILE B 73 -26.29 -4.01 -1.37
CA ILE B 73 -26.30 -4.59 -2.73
C ILE B 73 -26.49 -6.12 -2.62
N ALA B 74 -25.71 -6.81 -1.77
CA ALA B 74 -25.82 -8.28 -1.58
C ALA B 74 -27.23 -8.62 -1.11
N TYR B 75 -27.74 -7.85 -0.15
CA TYR B 75 -29.07 -8.01 0.46
C TYR B 75 -30.16 -7.93 -0.62
N ARG B 76 -30.11 -6.87 -1.43
CA ARG B 76 -31.14 -6.63 -2.48
C ARG B 76 -31.08 -7.72 -3.55
N LEU B 77 -29.87 -8.13 -3.95
CA LEU B 77 -29.69 -9.21 -4.95
C LEU B 77 -30.39 -10.46 -4.44
N LEU B 78 -30.17 -10.82 -3.18
CA LEU B 78 -30.68 -12.11 -2.65
C LEU B 78 -32.19 -12.05 -2.46
N LEU B 79 -32.72 -10.97 -1.88
CA LEU B 79 -34.19 -10.80 -1.71
C LEU B 79 -34.87 -10.67 -3.07
N GLY B 80 -34.25 -9.95 -4.01
CA GLY B 80 -34.81 -9.76 -5.36
C GLY B 80 -34.90 -11.06 -6.15
N SER B 81 -34.04 -12.02 -5.88
CA SER B 81 -34.05 -13.38 -6.49
C SER B 81 -35.34 -14.11 -6.09
N GLY B 82 -35.88 -13.74 -4.93
CA GLY B 82 -37.03 -14.41 -4.28
C GLY B 82 -36.67 -15.78 -3.71
N LEU B 83 -35.38 -16.14 -3.65
CA LEU B 83 -34.93 -17.51 -3.25
C LEU B 83 -34.91 -17.69 -1.73
N PRO B 84 -34.34 -16.76 -0.92
CA PRO B 84 -34.25 -16.99 0.53
C PRO B 84 -35.62 -17.29 1.15
N GLN B 85 -36.60 -16.44 0.86
CA GLN B 85 -38.04 -16.59 1.22
C GLN B 85 -38.48 -18.05 0.97
N LYS B 86 -38.20 -18.59 -0.21
CA LYS B 86 -38.69 -19.95 -0.59
C LYS B 86 -38.02 -21.04 0.25
N PHE B 87 -36.86 -20.78 0.89
CA PHE B 87 -36.12 -21.85 1.60
C PHE B 87 -36.07 -21.55 3.09
N GLY B 88 -37.03 -20.75 3.58
CA GLY B 88 -37.25 -20.53 5.01
C GLY B 88 -36.16 -19.68 5.63
N CYS B 89 -35.42 -18.91 4.84
CA CYS B 89 -34.40 -17.94 5.32
C CYS B 89 -35.07 -16.57 5.47
N SER B 90 -35.20 -16.10 6.70
CA SER B 90 -35.84 -14.81 7.02
C SER B 90 -34.97 -13.68 6.48
N ASP B 91 -35.56 -12.50 6.29
CA ASP B 91 -34.81 -11.27 5.91
C ASP B 91 -33.67 -11.05 6.92
N GLU B 92 -33.96 -11.26 8.20
CA GLU B 92 -33.03 -10.92 9.30
C GLU B 92 -31.83 -11.87 9.27
N VAL B 93 -32.08 -13.18 9.12
CA VAL B 93 -30.99 -14.20 9.11
C VAL B 93 -30.11 -13.92 7.87
N LEU B 94 -30.73 -13.57 6.74
CA LEU B 94 -30.01 -13.25 5.48
C LEU B 94 -29.05 -12.10 5.74
N LEU B 95 -29.54 -11.03 6.38
CA LEU B 95 -28.73 -9.81 6.64
C LEU B 95 -27.64 -10.14 7.68
N ASN B 96 -27.94 -10.94 8.71
CA ASN B 96 -26.92 -11.37 9.71
C ASN B 96 -25.80 -12.11 8.96
N PHE B 97 -26.16 -13.03 8.08
CA PHE B 97 -25.17 -13.84 7.32
C PHE B 97 -24.25 -12.90 6.53
N ILE B 98 -24.83 -11.95 5.80
CA ILE B 98 -24.05 -10.98 4.97
C ILE B 98 -23.08 -10.22 5.89
N LEU B 99 -23.52 -9.78 7.06
CA LEU B 99 -22.67 -8.95 7.96
C LEU B 99 -21.59 -9.82 8.62
N GLN B 100 -21.89 -11.07 8.96
CA GLN B 100 -20.88 -12.04 9.45
C GLN B 100 -19.81 -12.30 8.38
N CYS B 101 -20.19 -12.47 7.11
CA CYS B 101 -19.21 -12.58 6.00
C CYS B 101 -18.35 -11.32 5.94
N ARG B 102 -18.99 -10.16 6.01
CA ARG B 102 -18.30 -8.84 5.87
C ARG B 102 -17.19 -8.72 6.93
N LYS B 103 -17.47 -9.11 8.17
CA LYS B 103 -16.52 -8.97 9.31
C LYS B 103 -15.27 -9.84 9.08
N LYS B 104 -15.34 -10.87 8.22
CA LYS B 104 -14.20 -11.78 7.97
C LYS B 104 -13.43 -11.41 6.71
N TYR B 105 -13.74 -10.31 6.04
CA TYR B 105 -12.91 -9.83 4.89
C TYR B 105 -11.96 -8.78 5.45
N ARG B 106 -10.78 -8.71 4.86
CA ARG B 106 -9.71 -7.82 5.32
C ARG B 106 -9.64 -6.60 4.41
N ASN B 107 -8.91 -5.60 4.90
CA ASN B 107 -8.61 -4.37 4.14
C ASN B 107 -7.42 -4.68 3.22
N VAL B 108 -7.60 -5.48 2.16
CA VAL B 108 -6.59 -5.73 1.11
C VAL B 108 -7.08 -5.08 -0.19
N PRO B 109 -6.22 -4.86 -1.19
CA PRO B 109 -6.63 -4.13 -2.38
C PRO B 109 -7.71 -4.85 -3.22
N TYR B 110 -7.69 -6.19 -3.33
CA TYR B 110 -8.58 -6.92 -4.27
C TYR B 110 -9.48 -7.94 -3.56
N HIS B 111 -8.93 -8.93 -2.86
CA HIS B 111 -9.71 -10.00 -2.19
C HIS B 111 -10.34 -9.48 -0.91
N ASN B 112 -11.17 -8.46 -1.04
CA ASN B 112 -11.91 -7.81 0.07
C ASN B 112 -13.41 -8.06 -0.15
N PHE B 113 -14.24 -7.44 0.67
CA PHE B 113 -15.70 -7.64 0.65
C PHE B 113 -16.31 -7.19 -0.69
N TYR B 114 -15.71 -6.18 -1.34
CA TYR B 114 -16.19 -5.63 -2.63
C TYR B 114 -16.07 -6.73 -3.71
N HIS B 115 -14.95 -7.45 -3.75
CA HIS B 115 -14.75 -8.57 -4.71
C HIS B 115 -15.90 -9.57 -4.56
N VAL B 116 -16.27 -9.97 -3.33
CA VAL B 116 -17.21 -11.12 -3.17
C VAL B 116 -18.61 -10.61 -3.49
N VAL B 117 -18.92 -9.36 -3.16
CA VAL B 117 -20.23 -8.73 -3.54
C VAL B 117 -20.27 -8.59 -5.08
N ASP B 118 -19.15 -8.24 -5.70
CA ASP B 118 -19.02 -8.18 -7.18
C ASP B 118 -19.36 -9.56 -7.76
N VAL B 119 -18.76 -10.64 -7.24
CA VAL B 119 -18.94 -12.02 -7.78
C VAL B 119 -20.41 -12.42 -7.59
N CYS B 120 -21.03 -12.06 -6.48
CA CYS B 120 -22.46 -12.32 -6.19
C CYS B 120 -23.34 -11.64 -7.26
N GLN B 121 -23.12 -10.35 -7.47
CA GLN B 121 -23.82 -9.54 -8.50
C GLN B 121 -23.59 -10.15 -9.89
N THR B 122 -22.35 -10.53 -10.18
CA THR B 122 -21.96 -11.05 -11.51
C THR B 122 -22.69 -12.38 -11.73
N ILE B 123 -22.70 -13.24 -10.70
CA ILE B 123 -23.37 -14.57 -10.79
C ILE B 123 -24.87 -14.35 -11.04
N HIS B 124 -25.48 -13.39 -10.36
CA HIS B 124 -26.89 -13.02 -10.57
C HIS B 124 -27.11 -12.74 -12.07
N THR B 125 -26.24 -11.94 -12.70
CA THR B 125 -26.40 -11.58 -14.13
C THR B 125 -26.27 -12.85 -14.97
N PHE B 126 -25.29 -13.72 -14.69
CA PHE B 126 -25.08 -14.96 -15.46
C PHE B 126 -26.33 -15.85 -15.36
N LEU B 127 -26.90 -15.94 -14.15
CA LEU B 127 -28.08 -16.78 -13.89
C LEU B 127 -29.29 -16.18 -14.64
N TYR B 128 -29.54 -14.89 -14.47
CA TYR B 128 -30.86 -14.28 -14.76
C TYR B 128 -30.83 -13.45 -16.06
N ARG B 129 -29.72 -12.82 -16.44
CA ARG B 129 -29.59 -12.17 -17.78
C ARG B 129 -29.02 -13.17 -18.79
N GLY B 130 -28.17 -14.11 -18.36
CA GLY B 130 -27.60 -15.15 -19.24
C GLY B 130 -28.45 -16.42 -19.25
N ASN B 131 -29.50 -16.47 -18.43
CA ASN B 131 -30.51 -17.56 -18.37
C ASN B 131 -29.87 -18.89 -17.95
N VAL B 132 -28.75 -18.85 -17.23
CA VAL B 132 -28.11 -20.10 -16.72
C VAL B 132 -29.01 -20.67 -15.60
N TYR B 133 -29.90 -19.87 -15.01
CA TYR B 133 -30.89 -20.37 -14.01
C TYR B 133 -31.65 -21.58 -14.60
N GLU B 134 -31.82 -21.63 -15.93
CA GLU B 134 -32.61 -22.71 -16.58
C GLU B 134 -31.92 -24.06 -16.39
N LYS B 135 -30.60 -24.07 -16.21
CA LYS B 135 -29.82 -25.31 -16.05
C LYS B 135 -29.75 -25.82 -14.60
N LEU B 136 -30.31 -25.10 -13.63
CA LEU B 136 -30.15 -25.38 -12.18
C LEU B 136 -31.50 -25.34 -11.45
N THR B 137 -31.59 -26.02 -10.33
CA THR B 137 -32.73 -25.90 -9.39
C THR B 137 -32.66 -24.52 -8.74
N GLU B 138 -33.77 -24.09 -8.15
CA GLU B 138 -33.82 -22.86 -7.33
C GLU B 138 -32.85 -22.97 -6.15
N LEU B 139 -32.75 -24.14 -5.51
CA LEU B 139 -31.83 -24.35 -4.36
C LEU B 139 -30.39 -24.09 -4.81
N GLU B 140 -30.01 -24.63 -5.97
CA GLU B 140 -28.65 -24.45 -6.54
C GLU B 140 -28.44 -22.95 -6.83
N CYS B 141 -29.44 -22.21 -7.32
CA CYS B 141 -29.29 -20.76 -7.60
C CYS B 141 -29.06 -20.03 -6.26
N PHE B 142 -29.80 -20.40 -5.22
CA PHE B 142 -29.70 -19.81 -3.86
C PHE B 142 -28.29 -20.09 -3.32
N VAL B 143 -27.84 -21.34 -3.43
CA VAL B 143 -26.49 -21.75 -2.93
C VAL B 143 -25.41 -20.94 -3.64
N LEU B 144 -25.52 -20.75 -4.96
CA LEU B 144 -24.47 -20.02 -5.72
C LEU B 144 -24.40 -18.60 -5.18
N LEU B 145 -25.53 -17.94 -5.00
CA LEU B 145 -25.53 -16.50 -4.63
C LEU B 145 -24.95 -16.35 -3.21
N ILE B 146 -25.28 -17.30 -2.31
CA ILE B 146 -24.75 -17.36 -0.92
C ILE B 146 -23.25 -17.71 -0.97
N THR B 147 -22.86 -18.70 -1.78
CA THR B 147 -21.45 -19.15 -1.86
C THR B 147 -20.56 -17.97 -2.30
N ALA B 148 -20.99 -17.15 -3.25
CA ALA B 148 -20.19 -16.01 -3.75
C ALA B 148 -19.66 -15.21 -2.54
N LEU B 149 -20.48 -15.05 -1.51
CA LEU B 149 -20.18 -14.13 -0.37
C LEU B 149 -19.19 -14.80 0.60
N VAL B 150 -19.05 -16.13 0.60
CA VAL B 150 -18.11 -16.86 1.51
C VAL B 150 -16.82 -17.27 0.79
N HIS B 151 -16.71 -17.11 -0.53
CA HIS B 151 -15.75 -17.91 -1.32
C HIS B 151 -14.29 -17.48 -1.09
N ASP B 152 -14.04 -16.31 -0.47
CA ASP B 152 -12.67 -15.81 -0.18
C ASP B 152 -12.52 -15.34 1.27
N LEU B 153 -13.34 -15.83 2.19
CA LEU B 153 -13.34 -15.36 3.61
C LEU B 153 -11.90 -15.36 4.16
N ASP B 154 -11.49 -14.20 4.71
CA ASP B 154 -10.25 -14.04 5.51
C ASP B 154 -9.04 -14.15 4.59
N HIS B 155 -9.18 -13.84 3.30
CA HIS B 155 -8.07 -13.66 2.36
C HIS B 155 -7.19 -12.49 2.84
N MET B 156 -5.86 -12.63 2.80
CA MET B 156 -4.97 -11.52 3.24
C MET B 156 -4.05 -11.07 2.08
N GLY B 157 -4.45 -11.37 0.84
CA GLY B 157 -3.81 -10.84 -0.38
C GLY B 157 -2.61 -11.64 -0.84
N LEU B 158 -2.49 -12.88 -0.35
CA LEU B 158 -1.40 -13.82 -0.69
C LEU B 158 -2.04 -15.10 -1.22
N ASN B 159 -1.50 -15.64 -2.30
CA ASN B 159 -2.09 -16.83 -2.98
C ASN B 159 -1.56 -18.10 -2.31
N ASN B 160 -2.06 -19.25 -2.72
CA ASN B 160 -1.68 -20.57 -2.14
C ASN B 160 -0.15 -20.76 -2.23
N SER B 161 0.43 -20.36 -3.34
CA SER B 161 1.88 -20.51 -3.62
C SER B 161 2.72 -19.82 -2.53
N PHE B 162 2.35 -18.63 -2.08
CA PHE B 162 3.08 -17.90 -1.02
C PHE B 162 3.21 -18.79 0.22
N TYR B 163 2.11 -19.39 0.64
CA TYR B 163 2.03 -20.21 1.89
C TYR B 163 2.94 -21.44 1.75
N LEU B 164 2.98 -22.06 0.57
CA LEU B 164 3.73 -23.31 0.36
C LEU B 164 5.21 -22.99 0.18
N LYS B 165 5.55 -21.98 -0.61
CA LYS B 165 6.98 -21.64 -0.86
C LYS B 165 7.61 -21.04 0.41
N THR B 166 6.89 -20.28 1.25
CA THR B 166 7.47 -19.71 2.50
C THR B 166 7.40 -20.70 3.66
N GLU B 167 6.87 -21.90 3.44
CA GLU B 167 6.62 -22.88 4.51
C GLU B 167 5.97 -22.18 5.71
N SER B 168 5.00 -21.30 5.44
CA SER B 168 4.08 -20.68 6.41
C SER B 168 3.30 -21.79 7.13
N PRO B 169 2.91 -21.62 8.42
CA PRO B 169 2.15 -22.66 9.14
C PRO B 169 0.93 -23.26 8.41
N LEU B 170 0.08 -22.44 7.80
CA LEU B 170 -1.05 -22.94 6.96
C LEU B 170 -0.50 -23.77 5.79
N GLY B 171 0.57 -23.33 5.15
CA GLY B 171 1.23 -24.10 4.08
C GLY B 171 1.68 -25.47 4.58
N ILE B 172 2.32 -25.52 5.76
CA ILE B 172 2.83 -26.79 6.37
C ILE B 172 1.62 -27.73 6.64
N LEU B 173 0.55 -27.19 7.22
CA LEU B 173 -0.71 -27.94 7.52
C LEU B 173 -1.27 -28.53 6.22
N SER B 174 -1.31 -27.77 5.13
CA SER B 174 -1.81 -28.21 3.81
C SER B 174 -0.97 -29.38 3.29
N SER B 175 0.36 -29.22 3.25
CA SER B 175 1.30 -30.29 2.84
C SER B 175 1.03 -31.54 3.69
N ALA B 176 1.09 -31.39 5.01
CA ALA B 176 0.89 -32.50 5.98
C ALA B 176 -0.43 -33.23 5.67
N SER B 177 -1.54 -32.51 5.45
CA SER B 177 -2.89 -33.12 5.35
C SER B 177 -3.23 -33.53 3.90
N GLY B 178 -2.39 -33.21 2.91
CA GLY B 178 -2.52 -33.70 1.54
C GLY B 178 -3.40 -32.82 0.63
N ASN B 179 -3.85 -31.63 1.06
CA ASN B 179 -4.63 -30.71 0.19
C ASN B 179 -3.90 -29.37 0.04
N THR B 180 -3.36 -29.13 -1.17
CA THR B 180 -2.63 -27.89 -1.55
C THR B 180 -3.56 -26.69 -1.77
N SER B 181 -4.89 -26.85 -1.70
CA SER B 181 -5.80 -25.69 -1.79
C SER B 181 -5.83 -25.00 -0.42
N VAL B 182 -4.72 -24.34 -0.06
CA VAL B 182 -4.52 -23.74 1.29
C VAL B 182 -5.70 -22.80 1.62
N LEU B 183 -5.93 -21.79 0.77
CA LEU B 183 -6.94 -20.73 1.05
C LEU B 183 -8.36 -21.29 0.97
N GLU B 184 -8.64 -22.08 -0.06
CA GLU B 184 -10.03 -22.51 -0.38
C GLU B 184 -10.55 -23.36 0.78
N VAL B 185 -9.71 -24.23 1.35
CA VAL B 185 -10.12 -25.03 2.54
C VAL B 185 -10.33 -24.06 3.71
N HIS B 186 -9.48 -23.05 3.89
CA HIS B 186 -9.64 -22.05 4.97
C HIS B 186 -10.96 -21.29 4.77
N HIS B 187 -11.28 -20.88 3.55
CA HIS B 187 -12.57 -20.18 3.28
C HIS B 187 -13.73 -21.09 3.69
N CYS B 188 -13.70 -22.37 3.30
CA CYS B 188 -14.79 -23.36 3.62
C CYS B 188 -14.92 -23.51 5.15
N ASN B 189 -13.80 -23.61 5.84
CA ASN B 189 -13.75 -23.67 7.34
C ASN B 189 -14.54 -22.49 7.90
N LEU B 190 -14.30 -21.26 7.42
CA LEU B 190 -14.93 -20.07 8.02
C LEU B 190 -16.39 -19.98 7.59
N ALA B 191 -16.74 -20.47 6.40
CA ALA B 191 -18.14 -20.52 5.94
C ALA B 191 -18.94 -21.40 6.91
N VAL B 192 -18.45 -22.61 7.18
CA VAL B 192 -19.09 -23.58 8.11
C VAL B 192 -19.25 -22.91 9.48
N GLU B 193 -18.23 -22.19 9.92
CA GLU B 193 -18.26 -21.47 11.22
C GLU B 193 -19.41 -20.46 11.22
N ILE B 194 -19.59 -19.64 10.19
CA ILE B 194 -20.70 -18.65 10.15
C ILE B 194 -22.06 -19.36 10.16
N LEU B 195 -22.19 -20.47 9.42
CA LEU B 195 -23.49 -21.20 9.25
C LEU B 195 -23.83 -22.03 10.49
N SER B 196 -22.90 -22.18 11.44
CA SER B 196 -23.12 -23.02 12.65
C SER B 196 -23.96 -22.24 13.67
N ASP B 197 -24.00 -20.92 13.55
CA ASP B 197 -24.86 -20.00 14.35
C ASP B 197 -26.21 -19.83 13.66
N PRO B 198 -27.32 -20.29 14.30
CA PRO B 198 -28.65 -20.18 13.70
C PRO B 198 -29.07 -18.77 13.25
N GLU B 199 -28.59 -17.73 13.92
CA GLU B 199 -28.92 -16.31 13.59
C GLU B 199 -28.35 -15.95 12.22
N SER B 200 -27.32 -16.64 11.75
CA SER B 200 -26.69 -16.41 10.42
C SER B 200 -26.74 -17.69 9.55
N ASP B 201 -27.54 -18.71 9.90
CA ASP B 201 -27.62 -19.97 9.10
C ASP B 201 -28.70 -19.84 8.02
N VAL B 202 -28.30 -19.36 6.84
CA VAL B 202 -29.21 -19.15 5.68
C VAL B 202 -29.72 -20.51 5.20
N PHE B 203 -29.15 -21.61 5.70
CA PHE B 203 -29.56 -22.98 5.29
C PHE B 203 -30.37 -23.69 6.40
N ASP B 204 -30.78 -22.96 7.44
CA ASP B 204 -31.47 -23.56 8.62
C ASP B 204 -32.87 -24.04 8.21
N GLY B 205 -33.50 -23.39 7.24
CA GLY B 205 -34.83 -23.77 6.72
C GLY B 205 -34.78 -25.07 5.92
N LEU B 206 -33.61 -25.65 5.65
CA LEU B 206 -33.49 -26.89 4.86
C LEU B 206 -33.36 -28.11 5.77
N GLU B 207 -33.67 -29.29 5.24
CA GLU B 207 -33.50 -30.55 5.97
C GLU B 207 -33.16 -31.65 4.99
N GLY B 208 -32.76 -32.82 5.53
CA GLY B 208 -32.47 -34.02 4.73
C GLY B 208 -31.55 -33.70 3.57
N ALA B 209 -31.84 -34.26 2.40
CA ALA B 209 -30.95 -34.23 1.23
C ALA B 209 -30.70 -32.79 0.79
N GLU B 210 -31.67 -31.90 0.97
CA GLU B 210 -31.53 -30.48 0.52
C GLU B 210 -30.47 -29.79 1.36
N ARG B 211 -30.48 -29.95 2.69
CA ARG B 211 -29.48 -29.31 3.59
C ARG B 211 -28.09 -29.86 3.25
N THR B 212 -27.97 -31.17 3.03
CA THR B 212 -26.70 -31.82 2.64
C THR B 212 -26.21 -31.23 1.31
N LEU B 213 -27.08 -31.16 0.31
CA LEU B 213 -26.71 -30.62 -1.03
C LEU B 213 -26.24 -29.17 -0.86
N ALA B 214 -26.87 -28.37 -0.02
CA ALA B 214 -26.52 -26.94 0.16
C ALA B 214 -25.07 -26.83 0.62
N PHE B 215 -24.71 -27.59 1.67
CA PHE B 215 -23.35 -27.59 2.27
C PHE B 215 -22.38 -28.21 1.28
N ARG B 216 -22.70 -29.36 0.73
CA ARG B 216 -21.74 -30.07 -0.16
C ARG B 216 -21.47 -29.21 -1.41
N SER B 217 -22.52 -28.62 -1.99
CA SER B 217 -22.40 -27.88 -3.27
C SER B 217 -21.64 -26.58 -2.98
N MET B 218 -21.91 -25.94 -1.84
CA MET B 218 -21.18 -24.71 -1.42
C MET B 218 -19.69 -25.02 -1.36
N ILE B 219 -19.33 -26.09 -0.64
CA ILE B 219 -17.93 -26.50 -0.41
C ILE B 219 -17.28 -26.89 -1.75
N ASP B 220 -17.95 -27.71 -2.57
CA ASP B 220 -17.40 -28.13 -3.89
C ASP B 220 -17.07 -26.87 -4.71
N CYS B 221 -17.98 -25.91 -4.75
CA CYS B 221 -17.81 -24.65 -5.52
C CYS B 221 -16.61 -23.86 -4.98
N VAL B 222 -16.50 -23.63 -3.67
CA VAL B 222 -15.33 -22.88 -3.11
C VAL B 222 -14.03 -23.63 -3.46
N LEU B 223 -13.98 -24.95 -3.24
CA LEU B 223 -12.75 -25.74 -3.55
C LEU B 223 -12.38 -25.59 -5.03
N ALA B 224 -13.36 -25.45 -5.91
CA ALA B 224 -13.17 -25.37 -7.38
C ALA B 224 -12.61 -24.00 -7.80
N THR B 225 -12.60 -22.99 -6.93
CA THR B 225 -12.04 -21.64 -7.28
C THR B 225 -10.51 -21.65 -7.24
N ASP B 226 -9.86 -22.71 -6.76
CA ASP B 226 -8.38 -22.86 -6.81
C ASP B 226 -7.92 -22.90 -8.28
N MET B 227 -7.18 -21.90 -8.74
CA MET B 227 -6.82 -21.76 -10.18
C MET B 227 -5.84 -22.86 -10.57
N ALA B 228 -5.20 -23.53 -9.61
CA ALA B 228 -4.40 -24.75 -9.85
C ALA B 228 -5.29 -25.85 -10.46
N LYS B 229 -6.60 -25.87 -10.19
CA LYS B 229 -7.56 -26.91 -10.68
C LYS B 229 -8.36 -26.36 -11.88
N HIS B 230 -8.02 -25.19 -12.41
CA HIS B 230 -8.80 -24.51 -13.48
C HIS B 230 -9.01 -25.44 -14.68
N GLY B 231 -7.93 -25.95 -15.27
CA GLY B 231 -7.99 -26.79 -16.49
C GLY B 231 -8.89 -27.98 -16.27
N SER B 232 -8.74 -28.64 -15.13
CA SER B 232 -9.45 -29.89 -14.77
C SER B 232 -10.95 -29.62 -14.58
N ALA B 233 -11.28 -28.55 -13.85
CA ALA B 233 -12.67 -28.08 -13.62
C ALA B 233 -13.35 -27.79 -14.97
N LEU B 234 -12.67 -27.06 -15.86
CA LEU B 234 -13.16 -26.71 -17.22
C LEU B 234 -13.43 -28.00 -18.01
N GLU B 235 -12.49 -28.93 -18.06
CA GLU B 235 -12.59 -30.18 -18.86
C GLU B 235 -13.72 -31.06 -18.31
N ALA B 236 -13.87 -31.13 -16.98
CA ALA B 236 -14.96 -31.89 -16.32
C ALA B 236 -16.32 -31.29 -16.70
N PHE B 237 -16.43 -29.97 -16.71
CA PHE B 237 -17.70 -29.29 -17.08
C PHE B 237 -18.03 -29.54 -18.56
N LEU B 238 -17.05 -29.44 -19.44
CA LEU B 238 -17.27 -29.61 -20.90
C LEU B 238 -17.74 -31.05 -21.15
N ALA B 239 -17.15 -32.02 -20.45
CA ALA B 239 -17.51 -33.46 -20.57
C ALA B 239 -18.92 -33.69 -20.04
N SER B 240 -19.31 -33.03 -18.95
CA SER B 240 -20.67 -33.15 -18.35
C SER B 240 -21.69 -32.52 -19.31
N ALA B 241 -21.36 -31.37 -19.91
CA ALA B 241 -22.24 -30.65 -20.84
C ALA B 241 -22.49 -31.51 -22.09
N ALA B 242 -21.52 -32.30 -22.48
CA ALA B 242 -21.74 -33.22 -23.61
C ALA B 242 -22.64 -34.35 -23.09
N ASP B 243 -23.82 -34.53 -23.70
CA ASP B 243 -24.86 -35.55 -23.34
C ASP B 243 -25.55 -35.17 -22.01
N GLN B 244 -24.84 -35.29 -20.89
CA GLN B 244 -25.30 -34.93 -19.52
C GLN B 244 -26.43 -35.84 -19.01
N SER B 245 -27.42 -36.15 -19.85
CA SER B 245 -28.56 -37.02 -19.44
C SER B 245 -28.02 -38.31 -18.79
N SER B 246 -26.73 -38.58 -18.96
CA SER B 246 -26.10 -39.80 -18.39
C SER B 246 -25.85 -39.60 -16.89
N ASP B 247 -25.76 -38.33 -16.45
CA ASP B 247 -25.52 -37.99 -15.02
C ASP B 247 -25.93 -36.54 -14.77
N GLU B 248 -27.24 -36.27 -14.86
CA GLU B 248 -27.82 -34.92 -14.65
C GLU B 248 -27.22 -34.32 -13.37
N ALA B 249 -27.09 -35.11 -12.31
CA ALA B 249 -26.58 -34.62 -11.01
C ALA B 249 -25.18 -34.00 -11.18
N ALA B 250 -24.32 -34.70 -11.91
CA ALA B 250 -22.95 -34.25 -12.16
C ALA B 250 -22.98 -32.94 -12.96
N PHE B 251 -23.82 -32.86 -13.99
CA PHE B 251 -23.89 -31.64 -14.83
C PHE B 251 -24.28 -30.46 -13.95
N HIS B 252 -25.27 -30.69 -13.11
CA HIS B 252 -25.72 -29.66 -12.15
C HIS B 252 -24.50 -29.20 -11.32
N ARG B 253 -23.75 -30.13 -10.73
CA ARG B 253 -22.67 -29.76 -9.78
C ARG B 253 -21.57 -29.00 -10.55
N MET B 254 -21.23 -29.46 -11.75
CA MET B 254 -20.15 -28.86 -12.58
C MET B 254 -20.58 -27.47 -13.06
N THR B 255 -21.86 -27.28 -13.37
CA THR B 255 -22.40 -25.97 -13.80
C THR B 255 -22.26 -25.00 -12.63
N MET B 256 -22.59 -25.40 -11.41
CA MET B 256 -22.39 -24.56 -10.20
C MET B 256 -20.90 -24.14 -10.08
N GLU B 257 -20.00 -25.11 -10.17
CA GLU B 257 -18.53 -24.88 -10.01
C GLU B 257 -18.07 -23.88 -11.07
N ILE B 258 -18.54 -24.08 -12.31
CA ILE B 258 -18.08 -23.28 -13.48
C ILE B 258 -18.63 -21.86 -13.36
N ILE B 259 -19.82 -21.68 -12.80
CA ILE B 259 -20.44 -20.34 -12.68
C ILE B 259 -19.73 -19.57 -11.58
N LEU B 260 -19.39 -20.18 -10.43
CA LEU B 260 -18.58 -19.48 -9.39
C LEU B 260 -17.21 -19.15 -9.99
N LYS B 261 -16.57 -20.09 -10.69
CA LYS B 261 -15.29 -19.82 -11.39
C LYS B 261 -15.46 -18.65 -12.37
N ALA B 262 -16.53 -18.67 -13.19
CA ALA B 262 -16.82 -17.61 -14.18
C ALA B 262 -16.93 -16.25 -13.47
N GLY B 263 -17.69 -16.17 -12.38
CA GLY B 263 -17.87 -14.94 -11.58
C GLY B 263 -16.54 -14.48 -11.04
N ASP B 264 -15.67 -15.43 -10.68
CA ASP B 264 -14.39 -15.14 -10.00
C ASP B 264 -13.42 -14.49 -10.97
N ILE B 265 -13.45 -14.87 -12.26
CA ILE B 265 -12.56 -14.29 -13.30
C ILE B 265 -13.37 -13.41 -14.29
N SER B 266 -14.42 -12.75 -13.82
CA SER B 266 -15.39 -12.01 -14.68
C SER B 266 -14.94 -10.56 -14.93
N ASN B 267 -13.88 -10.09 -14.25
CA ASN B 267 -13.47 -8.66 -14.26
C ASN B 267 -13.30 -8.18 -15.71
N VAL B 268 -12.73 -9.02 -16.56
CA VAL B 268 -12.44 -8.71 -17.99
C VAL B 268 -13.73 -8.70 -18.84
N THR B 269 -14.89 -9.14 -18.33
CA THR B 269 -16.18 -9.18 -19.07
C THR B 269 -16.96 -7.89 -18.79
N LYS B 270 -16.42 -6.96 -18.01
CA LYS B 270 -17.16 -5.75 -17.59
C LYS B 270 -16.84 -4.57 -18.50
N PRO B 271 -17.71 -3.53 -18.54
CA PRO B 271 -17.38 -2.29 -19.23
C PRO B 271 -15.96 -1.85 -18.88
N PHE B 272 -15.21 -1.40 -19.90
CA PHE B 272 -13.75 -1.20 -19.85
C PHE B 272 -13.33 -0.44 -18.60
N ASP B 273 -14.07 0.60 -18.23
CA ASP B 273 -13.66 1.47 -17.09
C ASP B 273 -13.71 0.70 -15.77
N ILE B 274 -14.74 -0.13 -15.59
CA ILE B 274 -14.91 -1.01 -14.39
C ILE B 274 -13.76 -2.03 -14.41
N SER B 275 -13.52 -2.63 -15.58
CA SER B 275 -12.52 -3.69 -15.83
C SER B 275 -11.13 -3.17 -15.42
N ARG B 276 -10.80 -1.94 -15.82
CA ARG B 276 -9.51 -1.27 -15.55
C ARG B 276 -9.32 -1.07 -14.03
N GLN B 277 -10.33 -0.57 -13.34
CA GLN B 277 -10.25 -0.38 -11.89
C GLN B 277 -9.97 -1.73 -11.20
N TRP B 278 -10.60 -2.82 -11.64
CA TRP B 278 -10.35 -4.17 -11.08
C TRP B 278 -8.88 -4.55 -11.33
N ALA B 279 -8.36 -4.28 -12.52
CA ALA B 279 -7.01 -4.67 -12.96
C ALA B 279 -5.97 -3.93 -12.09
N MET B 280 -6.24 -2.68 -11.75
CA MET B 280 -5.36 -1.84 -10.87
C MET B 280 -5.29 -2.50 -9.49
N ALA B 281 -6.46 -2.85 -8.94
CA ALA B 281 -6.63 -3.41 -7.58
C ALA B 281 -5.91 -4.76 -7.48
N VAL B 282 -6.07 -5.65 -8.47
CA VAL B 282 -5.41 -6.99 -8.43
C VAL B 282 -3.91 -6.81 -8.61
N THR B 283 -3.47 -5.85 -9.40
CA THR B 283 -2.01 -5.64 -9.67
C THR B 283 -1.32 -5.16 -8.38
N GLU B 284 -1.95 -4.25 -7.65
CA GLU B 284 -1.42 -3.76 -6.35
C GLU B 284 -1.32 -4.95 -5.40
N GLU B 285 -2.30 -5.86 -5.41
CA GLU B 285 -2.28 -7.01 -4.48
C GLU B 285 -1.13 -7.96 -4.85
N PHE B 286 -0.95 -8.25 -6.13
CA PHE B 286 0.18 -9.09 -6.63
C PHE B 286 1.51 -8.46 -6.20
N TYR B 287 1.64 -7.14 -6.29
CA TYR B 287 2.92 -6.44 -6.01
C TYR B 287 3.21 -6.50 -4.49
N ARG B 288 2.21 -6.36 -3.65
CA ARG B 288 2.37 -6.50 -2.18
C ARG B 288 2.76 -7.95 -1.84
N GLN B 289 2.28 -8.95 -2.60
CA GLN B 289 2.72 -10.35 -2.36
C GLN B 289 4.22 -10.42 -2.65
N GLY B 290 4.67 -9.87 -3.79
CA GLY B 290 6.10 -9.80 -4.15
C GLY B 290 6.93 -9.10 -3.09
N ASP B 291 6.43 -8.03 -2.50
CA ASP B 291 7.06 -7.28 -1.37
C ASP B 291 7.24 -8.25 -0.18
N MET B 292 6.22 -9.03 0.19
CA MET B 292 6.30 -10.03 1.29
C MET B 292 7.28 -11.16 0.95
N GLU B 293 7.36 -11.58 -0.32
CA GLU B 293 8.29 -12.64 -0.77
C GLU B 293 9.73 -12.14 -0.64
N LYS B 294 9.99 -10.89 -1.01
CA LYS B 294 11.32 -10.25 -0.86
C LYS B 294 11.68 -10.25 0.64
N GLU B 295 10.77 -9.80 1.48
CA GLU B 295 10.87 -9.78 2.96
C GLU B 295 11.23 -11.17 3.51
N ARG B 296 10.67 -12.25 2.94
CA ARG B 296 10.94 -13.64 3.40
C ARG B 296 12.12 -14.22 2.64
N GLY B 297 12.78 -13.43 1.78
CA GLY B 297 13.87 -13.89 0.90
C GLY B 297 13.48 -15.07 0.00
N VAL B 298 12.23 -15.18 -0.46
CA VAL B 298 11.85 -16.25 -1.44
C VAL B 298 11.76 -15.64 -2.83
N GLU B 299 11.84 -16.50 -3.87
CA GLU B 299 11.77 -16.10 -5.30
C GLU B 299 10.48 -15.31 -5.55
N VAL B 300 10.61 -14.20 -6.30
CA VAL B 300 9.45 -13.36 -6.74
C VAL B 300 9.25 -13.58 -8.25
N LEU B 301 8.13 -14.18 -8.66
CA LEU B 301 7.80 -14.34 -10.10
C LEU B 301 7.65 -12.93 -10.70
N PRO B 302 7.99 -12.76 -12.01
CA PRO B 302 7.97 -11.44 -12.65
C PRO B 302 6.67 -10.64 -12.45
N MET B 303 5.51 -11.29 -12.46
CA MET B 303 4.20 -10.57 -12.38
C MET B 303 3.92 -10.14 -10.94
N PHE B 304 4.66 -10.62 -9.96
CA PHE B 304 4.51 -10.15 -8.55
C PHE B 304 5.57 -9.08 -8.27
N ASP B 305 6.44 -8.80 -9.24
CA ASP B 305 7.70 -8.04 -9.06
C ASP B 305 7.50 -6.59 -9.50
N ARG B 306 7.34 -5.70 -8.53
CA ARG B 306 7.06 -4.25 -8.72
C ARG B 306 8.17 -3.58 -9.53
N SER B 307 9.38 -4.15 -9.53
CA SER B 307 10.62 -3.58 -10.10
C SER B 307 10.81 -4.02 -11.56
N LYS B 308 9.90 -4.81 -12.14
CA LYS B 308 9.79 -4.96 -13.61
C LYS B 308 8.99 -3.77 -14.17
N ASN B 309 8.22 -3.09 -13.29
CA ASN B 309 7.41 -1.89 -13.60
C ASN B 309 6.58 -2.15 -14.86
N MET B 310 6.09 -3.38 -15.05
CA MET B 310 5.38 -3.82 -16.26
C MET B 310 4.04 -3.09 -16.33
N GLU B 311 3.51 -2.92 -17.54
CA GLU B 311 2.28 -2.13 -17.82
C GLU B 311 1.05 -2.97 -17.46
N LEU B 312 0.04 -2.35 -16.87
CA LEU B 312 -1.32 -2.90 -16.61
C LEU B 312 -1.84 -3.64 -17.87
N ALA B 313 -1.83 -2.96 -19.02
CA ALA B 313 -2.42 -3.41 -20.31
C ALA B 313 -1.85 -4.77 -20.73
N LYS B 314 -0.52 -4.94 -20.71
CA LYS B 314 0.16 -6.21 -21.09
C LYS B 314 -0.37 -7.36 -20.23
N GLY B 315 -0.56 -7.11 -18.92
CA GLY B 315 -1.07 -8.12 -17.98
C GLY B 315 -2.47 -8.57 -18.36
N GLN B 316 -3.36 -7.62 -18.63
CA GLN B 316 -4.78 -7.89 -18.96
C GLN B 316 -4.86 -8.62 -20.30
N ILE B 317 -4.09 -8.20 -21.31
CA ILE B 317 -4.10 -8.88 -22.63
C ILE B 317 -3.64 -10.34 -22.44
N GLY B 318 -2.54 -10.57 -21.70
CA GLY B 318 -2.02 -11.93 -21.49
C GLY B 318 -3.04 -12.81 -20.77
N PHE B 319 -3.67 -12.27 -19.73
CA PHE B 319 -4.69 -13.03 -18.96
C PHE B 319 -5.89 -13.34 -19.89
N ILE B 320 -6.28 -12.36 -20.72
CA ILE B 320 -7.38 -12.53 -21.71
C ILE B 320 -7.00 -13.67 -22.68
N ASP B 321 -5.81 -13.63 -23.29
CA ASP B 321 -5.41 -14.57 -24.36
C ASP B 321 -5.29 -15.99 -23.82
N PHE B 322 -4.65 -16.16 -22.65
CA PHE B 322 -4.27 -17.50 -22.13
C PHE B 322 -5.32 -18.07 -21.18
N VAL B 323 -6.16 -17.26 -20.53
CA VAL B 323 -7.09 -17.78 -19.50
C VAL B 323 -8.55 -17.44 -19.84
N ALA B 324 -8.92 -16.16 -19.85
CA ALA B 324 -10.33 -15.71 -19.77
C ALA B 324 -11.05 -15.91 -21.10
N ALA B 325 -10.46 -15.55 -22.25
CA ALA B 325 -11.14 -15.64 -23.56
C ALA B 325 -11.43 -17.11 -23.88
N PRO B 326 -10.44 -18.02 -23.80
CA PRO B 326 -10.71 -19.43 -24.05
C PRO B 326 -11.75 -20.02 -23.08
N PHE B 327 -11.71 -19.63 -21.80
CA PHE B 327 -12.64 -20.16 -20.77
C PHE B 327 -14.09 -19.74 -21.12
N PHE B 328 -14.32 -18.45 -21.32
CA PHE B 328 -15.66 -17.90 -21.60
C PHE B 328 -16.17 -18.41 -22.96
N GLN B 329 -15.30 -18.53 -23.96
CA GLN B 329 -15.72 -18.99 -25.30
C GLN B 329 -16.16 -20.46 -25.19
N LYS B 330 -15.37 -21.29 -24.52
CA LYS B 330 -15.64 -22.75 -24.42
C LYS B 330 -16.94 -23.02 -23.66
N ILE B 331 -17.16 -22.32 -22.55
CA ILE B 331 -18.39 -22.57 -21.76
C ILE B 331 -19.61 -22.02 -22.50
N VAL B 332 -19.45 -20.89 -23.19
CA VAL B 332 -20.60 -20.32 -23.95
C VAL B 332 -20.96 -21.28 -25.08
N ASP B 333 -19.96 -21.76 -25.79
CA ASP B 333 -20.14 -22.64 -26.97
C ASP B 333 -20.69 -24.00 -26.54
N ALA B 334 -20.21 -24.54 -25.42
CA ALA B 334 -20.64 -25.88 -24.98
C ALA B 334 -22.06 -25.86 -24.42
N CYS B 335 -22.52 -24.72 -23.91
CA CYS B 335 -23.81 -24.78 -23.19
C CYS B 335 -24.41 -23.43 -22.83
N LEU B 336 -23.61 -22.47 -22.39
CA LEU B 336 -24.18 -21.21 -21.85
C LEU B 336 -24.26 -20.12 -22.93
N GLN B 337 -24.98 -20.41 -24.01
CA GLN B 337 -25.12 -19.50 -25.17
C GLN B 337 -25.63 -18.14 -24.70
N GLY B 338 -26.43 -18.11 -23.64
CA GLY B 338 -26.96 -16.87 -23.07
C GLY B 338 -25.87 -15.96 -22.54
N MET B 339 -24.62 -16.44 -22.35
CA MET B 339 -23.54 -15.60 -21.76
C MET B 339 -22.62 -15.06 -22.86
N GLN B 340 -23.08 -15.07 -24.13
CA GLN B 340 -22.30 -14.60 -25.31
C GLN B 340 -21.70 -13.21 -25.08
N TRP B 341 -22.42 -12.30 -24.43
CA TRP B 341 -21.94 -10.91 -24.15
C TRP B 341 -20.58 -10.92 -23.42
N THR B 342 -20.28 -11.97 -22.66
CA THR B 342 -18.99 -12.02 -21.90
C THR B 342 -17.86 -12.08 -22.92
N VAL B 343 -18.00 -12.94 -23.94
CA VAL B 343 -17.00 -13.17 -25.02
C VAL B 343 -16.85 -11.88 -25.85
N ASP B 344 -17.97 -11.21 -26.12
CA ASP B 344 -18.02 -9.93 -26.87
C ASP B 344 -17.22 -8.89 -26.10
N ARG B 345 -17.49 -8.72 -24.81
CA ARG B 345 -16.84 -7.66 -24.01
C ARG B 345 -15.35 -7.97 -23.77
N ILE B 346 -14.96 -9.24 -23.66
CA ILE B 346 -13.52 -9.58 -23.54
C ILE B 346 -12.80 -9.08 -24.81
N LYS B 347 -13.40 -9.34 -25.98
CA LYS B 347 -12.85 -8.93 -27.31
C LYS B 347 -12.73 -7.40 -27.36
N SER B 348 -13.79 -6.69 -27.01
CA SER B 348 -13.84 -5.21 -26.95
C SER B 348 -12.79 -4.67 -25.94
N ASN B 349 -12.66 -5.28 -24.77
CA ASN B 349 -11.69 -4.82 -23.74
C ASN B 349 -10.26 -5.09 -24.21
N ARG B 350 -9.99 -6.23 -24.84
CA ARG B 350 -8.63 -6.54 -25.33
C ARG B 350 -8.22 -5.47 -26.36
N ALA B 351 -9.13 -5.09 -27.27
CA ALA B 351 -8.88 -4.10 -28.33
C ALA B 351 -8.55 -2.75 -27.67
N GLN B 352 -9.25 -2.43 -26.59
CA GLN B 352 -9.07 -1.17 -25.82
C GLN B 352 -7.71 -1.17 -25.10
N TRP B 353 -7.27 -2.29 -24.53
CA TRP B 353 -5.94 -2.40 -23.87
C TRP B 353 -4.83 -2.21 -24.90
N GLU B 354 -5.01 -2.78 -26.10
CA GLU B 354 -4.08 -2.63 -27.26
C GLU B 354 -3.92 -1.14 -27.57
N ARG B 355 -5.00 -0.36 -27.46
CA ARG B 355 -5.08 1.10 -27.76
C ARG B 355 -4.34 1.88 -26.66
N VAL B 356 -4.48 1.44 -25.41
CA VAL B 356 -3.78 2.06 -24.25
C VAL B 356 -2.27 1.89 -24.46
N LEU B 357 -1.80 0.73 -24.97
CA LEU B 357 -0.36 0.47 -25.25
C LEU B 357 0.17 1.44 -26.31
N GLU B 358 -0.50 1.56 -27.46
CA GLU B 358 0.04 2.31 -28.63
C GLU B 358 -0.08 3.82 -28.37
N THR B 359 0.00 4.26 -27.10
CA THR B 359 -0.01 5.71 -26.71
C THR B 359 1.05 5.95 -25.63
ZN ZN C . 18.47 12.70 8.69
MG MG D . 20.63 13.78 11.57
C FMT E . 12.90 38.75 -2.10
O1 FMT E . 14.08 38.81 -1.81
O2 FMT E . 11.96 38.67 -1.22
C FMT F . 15.98 42.13 4.31
O1 FMT F . 14.95 41.78 4.86
O2 FMT F . 16.14 42.29 3.03
C GAI G . 28.57 35.05 0.65
N1 GAI G . 28.92 34.10 1.49
N2 GAI G . 27.57 34.88 -0.22
N3 GAI G . 29.19 36.23 0.66
C GAI H . -1.57 12.82 -1.77
N1 GAI H . -1.64 11.67 -1.10
N2 GAI H . -2.22 13.86 -1.26
N3 GAI H . -0.90 12.89 -2.90
C1 GOL I . -3.14 23.55 4.78
O1 GOL I . -4.15 24.53 4.91
C2 GOL I . -3.30 22.42 5.79
O2 GOL I . -4.15 21.42 5.24
C3 GOL I . -1.98 21.87 6.29
O3 GOL I . -1.67 20.56 5.82
C GAI J . 23.13 37.64 -6.35
N1 GAI J . 24.13 36.87 -6.08
N2 GAI J . 21.90 37.13 -6.51
N3 GAI J . 23.27 38.95 -6.50
C1 GOL K . 1.76 30.40 1.58
O1 GOL K . 2.11 30.95 2.86
C2 GOL K . 2.77 30.72 0.50
O2 GOL K . 3.96 29.92 0.59
C3 GOL K . 2.16 30.63 -0.88
O3 GOL K . 3.17 30.62 -1.89
C GAI L . -6.69 26.52 17.18
N1 GAI L . -7.11 26.17 18.37
N2 GAI L . -6.74 25.67 16.15
N3 GAI L . -6.22 27.76 16.95
C GAI M . -35.17 -14.29 -16.02
N1 GAI M . -35.03 -13.76 -14.79
N2 GAI M . -34.61 -13.77 -17.06
N3 GAI M . -35.92 -15.39 -16.18
ZN ZN N . -12.47 -14.72 -5.52
MG MG O . -10.26 -17.35 -3.91
C GAI P . -27.38 -8.51 -21.55
N1 GAI P . -26.26 -7.96 -21.89
N2 GAI P . -27.83 -9.57 -22.22
N3 GAI P . -28.11 -8.04 -20.54
C1 GOL Q . -27.53 -20.73 -21.52
O1 GOL Q . -26.92 -19.56 -21.01
C2 GOL Q . -28.92 -20.50 -22.03
O2 GOL Q . -28.93 -19.94 -23.34
C3 GOL Q . -29.74 -21.76 -22.05
O3 GOL Q . -29.96 -22.19 -20.72
C GAI R . -38.83 -24.67 -4.77
N1 GAI R . -39.53 -25.47 -3.94
N2 GAI R . -39.15 -23.36 -4.78
N3 GAI R . -37.88 -25.15 -5.53
O1 QWZ S . -5.29 -10.18 -14.28
C2 QWZ S . -1.05 -13.20 -14.09
C3 QWZ S . -2.02 -12.20 -14.06
C4 QWZ S . -1.79 -10.95 -14.61
C5 QWZ S . -2.90 -9.92 -14.72
C6 QWZ S . -3.99 -9.96 -13.69
C9 QWZ S . -6.66 -12.70 -12.02
C11 QWZ S . -8.23 -10.88 -12.22
C13 QWZ S . -8.50 -8.16 -13.05
C14 QWZ S . -6.18 -13.93 -11.36
C15 QWZ S . -3.86 -16.67 -11.36
C16 QWZ S . -4.35 -17.60 -12.49
C17 QWZ S . -3.65 -17.55 -13.84
C18 QWZ S . -2.27 -18.14 -13.87
C19 QWZ S . -1.16 -17.22 -13.40
C20 QWZ S . -1.28 -16.71 -11.98
C22 QWZ S . -5.87 -15.89 -10.08
C24 QWZ S . -8.28 -15.07 -10.49
C25 QWZ S . -6.76 -13.82 -8.88
C27 QWZ S . 0.42 -11.69 -15.24
N QWZ S . -5.12 -14.57 -11.81
C QWZ S . 1.09 -15.18 -14.55
O QWZ S . 1.20 -13.83 -14.97
C1 QWZ S . 0.16 -12.95 -14.71
C10 QWZ S . -7.85 -12.08 -11.65
C12 QWZ S . -7.39 -10.27 -13.16
C21 QWZ S . -2.54 -15.89 -11.69
C23 QWZ S . -6.83 -14.65 -10.16
C26 QWZ S . -0.55 -10.70 -15.18
C7 QWZ S . -6.19 -10.90 -13.53
C8 QWZ S . -5.86 -12.12 -13.00
N1 QWZ S . -4.95 -15.72 -11.08
O2 QWZ S . -7.60 -9.04 -13.71
O3 QWZ S . -5.92 -16.81 -9.28
C1 GOL T . -36.26 -17.30 -20.52
O1 GOL T . -35.48 -17.91 -19.50
C2 GOL T . -36.91 -16.00 -20.06
O2 GOL T . -37.19 -15.16 -21.20
C3 GOL T . -38.20 -16.21 -19.33
O3 GOL T . -38.01 -16.67 -17.99
#